data_2AHG
#
_entry.id   2AHG
#
_cell.length_a   87.855
_cell.length_b   95.041
_cell.length_c   95.433
_cell.angle_alpha   90.00
_cell.angle_beta   90.00
_cell.angle_gamma   90.00
#
_symmetry.space_group_name_H-M   'P 21 21 21'
#
loop_
_entity.id
_entity.type
_entity.pdbx_description
1 polymer 'unsaturated glucuronyl hydrolase'
2 branched '4-deoxy-alpha-L-threo-hex-4-enopyranuronic acid-(1-3)-2-acetamido-2-deoxy-beta-D-galactopyranose'
3 water water
#
_entity_poly.entity_id   1
_entity_poly.type   'polypeptide(L)'
_entity_poly.pdbx_seq_one_letter_code
;MWQQAIGDALGITARNLKKFGDRFPHVSDGSNKYVLNDNTDWTDGFWSGILWLCYEYTGDEQYREGAVRTVASFRERLDR
FENLDHHNIGFLYSLSAKAQWIVEKDESARKLALDAADVLMRRWRADAGIIQAWGPKGDPENGGRIIIDCLLNLPLLLWA
GEQTGDPEYRRVAEAHALKSRRFLVRGDDSSYHTFYFDPENGNAIRGGTHQGNTDGSTWTRGQAWGIYGFALNSRYLGNA
DLLETAKRMARHFLARVPEDGVVYWDFEVPQEPSSYRDSSASAITACGLLEIASQLDESDPERQRFIDAAKTTVTALRDG
YAERDDGEAEGFIRRGSYHVRGGISPDDYTIWGDYYYLEALLRLERGVTGYWYERGR
;
_entity_poly.pdbx_strand_id   A,B
#
# COMPACT_ATOMS: atom_id res chain seq x y z
N MET A 1 20.02 -24.80 22.24
CA MET A 1 18.75 -24.03 22.23
C MET A 1 17.86 -24.45 21.08
N TRP A 2 18.46 -25.04 20.03
CA TRP A 2 17.71 -25.47 18.87
C TRP A 2 17.86 -26.98 18.63
N GLN A 3 18.86 -27.59 19.26
CA GLN A 3 19.11 -29.02 19.10
C GLN A 3 17.92 -29.89 19.53
N GLN A 4 17.28 -29.52 20.63
CA GLN A 4 16.13 -30.26 21.12
C GLN A 4 15.02 -30.23 20.09
N ALA A 5 14.72 -29.03 19.60
CA ALA A 5 13.66 -28.85 18.61
C ALA A 5 13.97 -29.65 17.36
N ILE A 6 15.20 -29.55 16.88
CA ILE A 6 15.61 -30.27 15.69
C ILE A 6 15.49 -31.77 15.95
N GLY A 7 15.93 -32.19 17.13
CA GLY A 7 15.87 -33.60 17.50
C GLY A 7 14.51 -34.22 17.29
N ASP A 8 13.47 -33.59 17.82
CA ASP A 8 12.13 -34.14 17.64
C ASP A 8 11.75 -34.22 16.17
N ALA A 9 12.16 -33.23 15.40
CA ALA A 9 11.82 -33.20 13.97
C ALA A 9 12.50 -34.36 13.24
N LEU A 10 13.77 -34.59 13.56
CA LEU A 10 14.52 -35.67 12.95
C LEU A 10 13.84 -37.00 13.23
N GLY A 11 13.48 -37.21 14.49
CA GLY A 11 12.83 -38.45 14.89
C GLY A 11 11.49 -38.65 14.22
N ILE A 12 10.68 -37.59 14.16
CA ILE A 12 9.37 -37.68 13.53
C ILE A 12 9.55 -37.99 12.04
N THR A 13 10.54 -37.34 11.42
CA THR A 13 10.78 -37.56 10.00
C THR A 13 11.21 -39.01 9.70
N ALA A 14 12.15 -39.55 10.47
CA ALA A 14 12.60 -40.93 10.24
C ALA A 14 11.43 -41.92 10.26
N ARG A 15 10.54 -41.77 11.24
CA ARG A 15 9.38 -42.65 11.36
C ARG A 15 8.45 -42.49 10.17
N ASN A 16 8.16 -41.23 9.81
CA ASN A 16 7.27 -40.95 8.68
C ASN A 16 7.79 -41.58 7.40
N LEU A 17 9.08 -41.42 7.14
CA LEU A 17 9.68 -41.95 5.92
C LEU A 17 9.41 -43.45 5.77
N LYS A 18 9.49 -44.18 6.87
CA LYS A 18 9.23 -45.62 6.83
C LYS A 18 7.74 -45.86 6.65
N LYS A 19 6.92 -45.15 7.42
CA LYS A 19 5.48 -45.28 7.36
C LYS A 19 4.85 -44.90 6.00
N PHE A 20 5.23 -43.74 5.47
CA PHE A 20 4.68 -43.23 4.22
C PHE A 20 5.02 -43.99 2.95
N GLY A 21 6.18 -44.64 2.92
CA GLY A 21 6.57 -45.34 1.72
C GLY A 21 6.95 -44.32 0.67
N ASP A 22 6.32 -44.40 -0.49
CA ASP A 22 6.61 -43.45 -1.57
C ASP A 22 5.55 -42.35 -1.62
N ARG A 23 4.60 -42.40 -0.71
CA ARG A 23 3.53 -41.41 -0.63
C ARG A 23 3.98 -40.09 0.02
N PHE A 24 3.22 -39.02 -0.23
CA PHE A 24 3.56 -37.70 0.29
C PHE A 24 2.52 -37.14 1.28
N PRO A 25 2.98 -36.52 2.37
CA PRO A 25 2.09 -35.94 3.37
C PRO A 25 1.67 -34.54 2.90
N HIS A 26 0.44 -34.15 3.22
CA HIS A 26 -0.12 -32.84 2.83
C HIS A 26 -0.51 -32.10 4.11
N VAL A 27 -1.61 -32.53 4.72
CA VAL A 27 -2.07 -31.94 5.97
C VAL A 27 -2.75 -33.04 6.78
N SER A 28 -2.99 -32.78 8.06
CA SER A 28 -3.70 -33.75 8.89
C SER A 28 -5.15 -33.29 8.86
N ASP A 29 -6.04 -34.02 9.51
CA ASP A 29 -7.44 -33.62 9.53
C ASP A 29 -8.13 -34.11 10.79
N GLY A 30 -7.81 -33.48 11.91
CA GLY A 30 -8.44 -33.87 13.16
C GLY A 30 -7.69 -34.91 13.97
N SER A 31 -6.45 -35.19 13.60
CA SER A 31 -5.63 -36.16 14.32
C SER A 31 -4.15 -35.89 14.11
N ASN A 32 -3.31 -36.67 14.77
CA ASN A 32 -1.86 -36.52 14.65
C ASN A 32 -1.30 -37.31 13.48
N LYS A 33 -2.15 -37.69 12.53
CA LYS A 33 -1.70 -38.43 11.36
C LYS A 33 -1.92 -37.60 10.10
N TYR A 34 -0.93 -37.63 9.21
CA TYR A 34 -1.00 -36.91 7.95
C TYR A 34 -1.84 -37.67 6.94
N VAL A 35 -2.53 -36.92 6.08
CA VAL A 35 -3.31 -37.52 5.00
C VAL A 35 -2.28 -37.53 3.88
N LEU A 36 -2.20 -38.63 3.14
CA LEU A 36 -1.21 -38.77 2.08
C LEU A 36 -1.77 -38.74 0.67
N ASN A 37 -0.89 -38.45 -0.29
CA ASN A 37 -1.25 -38.41 -1.70
C ASN A 37 -0.10 -38.98 -2.53
N ASP A 38 -0.39 -39.34 -3.77
CA ASP A 38 0.61 -39.90 -4.66
C ASP A 38 1.27 -38.83 -5.54
N ASN A 39 1.78 -37.78 -4.89
CA ASN A 39 2.43 -36.65 -5.55
C ASN A 39 1.48 -36.01 -6.56
N THR A 40 0.38 -35.46 -6.06
CA THR A 40 -0.62 -34.85 -6.92
C THR A 40 -1.13 -33.48 -6.46
N ASP A 41 -0.52 -32.89 -5.45
CA ASP A 41 -0.97 -31.60 -4.95
C ASP A 41 0.11 -30.54 -5.15
N TRP A 42 -0.04 -29.38 -4.50
CA TRP A 42 0.94 -28.30 -4.64
C TRP A 42 1.94 -28.30 -3.49
N THR A 43 1.71 -29.15 -2.49
CA THR A 43 2.54 -29.24 -1.30
C THR A 43 3.60 -30.34 -1.26
N ASP A 44 3.56 -31.25 -2.23
CA ASP A 44 4.51 -32.37 -2.27
C ASP A 44 5.99 -32.02 -2.14
N GLY A 45 6.39 -30.87 -2.65
CA GLY A 45 7.77 -30.46 -2.58
C GLY A 45 8.26 -30.18 -1.18
N PHE A 46 7.35 -29.86 -0.27
CA PHE A 46 7.75 -29.56 1.11
C PHE A 46 8.29 -30.81 1.80
N TRP A 47 7.77 -31.97 1.45
CA TRP A 47 8.22 -33.24 2.02
C TRP A 47 9.67 -33.39 1.60
N SER A 48 9.94 -33.19 0.31
CA SER A 48 11.29 -33.28 -0.22
C SER A 48 12.22 -32.33 0.51
N GLY A 49 11.75 -31.10 0.72
CA GLY A 49 12.56 -30.11 1.41
C GLY A 49 12.92 -30.54 2.82
N ILE A 50 11.97 -31.13 3.53
CA ILE A 50 12.19 -31.59 4.88
C ILE A 50 13.26 -32.68 4.89
N LEU A 51 13.15 -33.62 3.95
CA LEU A 51 14.13 -34.72 3.87
C LEU A 51 15.52 -34.20 3.56
N TRP A 52 15.62 -33.25 2.63
CA TRP A 52 16.93 -32.71 2.29
C TRP A 52 17.52 -31.93 3.48
N LEU A 53 16.66 -31.30 4.27
CA LEU A 53 17.13 -30.55 5.43
C LEU A 53 17.64 -31.50 6.51
N CYS A 54 16.92 -32.60 6.71
CA CYS A 54 17.32 -33.59 7.70
C CYS A 54 18.68 -34.21 7.31
N TYR A 55 18.86 -34.44 6.02
CA TYR A 55 20.10 -35.01 5.51
C TYR A 55 21.26 -34.06 5.72
N GLU A 56 21.05 -32.78 5.39
CA GLU A 56 22.10 -31.80 5.55
C GLU A 56 22.53 -31.64 7.00
N TYR A 57 21.57 -31.81 7.90
CA TYR A 57 21.87 -31.68 9.32
C TYR A 57 22.60 -32.91 9.87
N THR A 58 22.07 -34.08 9.55
CA THR A 58 22.62 -35.33 10.06
C THR A 58 23.68 -36.04 9.22
N GLY A 59 23.48 -36.05 7.91
CA GLY A 59 24.41 -36.75 7.04
C GLY A 59 23.92 -38.17 6.92
N ASP A 60 22.79 -38.44 7.58
CA ASP A 60 22.15 -39.75 7.59
C ASP A 60 21.57 -40.04 6.22
N GLU A 61 22.04 -41.12 5.59
CA GLU A 61 21.62 -41.46 4.23
C GLU A 61 20.17 -41.89 4.06
N GLN A 62 19.51 -42.32 5.13
CA GLN A 62 18.12 -42.71 4.99
C GLN A 62 17.29 -41.50 4.53
N TYR A 63 17.65 -40.32 5.02
CA TYR A 63 16.96 -39.10 4.63
C TYR A 63 17.23 -38.78 3.16
N ARG A 64 18.50 -38.88 2.76
CA ARG A 64 18.87 -38.61 1.38
C ARG A 64 18.21 -39.58 0.41
N GLU A 65 18.12 -40.84 0.81
CA GLU A 65 17.52 -41.84 -0.06
C GLU A 65 16.04 -41.55 -0.27
N GLY A 66 15.37 -41.08 0.78
CA GLY A 66 13.97 -40.75 0.66
C GLY A 66 13.79 -39.57 -0.28
N ALA A 67 14.65 -38.57 -0.12
CA ALA A 67 14.58 -37.37 -0.96
C ALA A 67 14.84 -37.72 -2.41
N VAL A 68 15.86 -38.54 -2.67
CA VAL A 68 16.18 -38.92 -4.04
C VAL A 68 14.98 -39.61 -4.66
N ARG A 69 14.29 -40.44 -3.87
CA ARG A 69 13.11 -41.13 -4.39
C ARG A 69 12.00 -40.15 -4.76
N THR A 70 11.85 -39.07 -4.00
CA THR A 70 10.81 -38.09 -4.33
C THR A 70 11.17 -37.40 -5.64
N VAL A 71 12.45 -37.13 -5.84
CA VAL A 71 12.91 -36.50 -7.06
C VAL A 71 12.54 -37.37 -8.27
N ALA A 72 12.75 -38.67 -8.16
CA ALA A 72 12.39 -39.57 -9.25
C ALA A 72 10.89 -39.48 -9.48
N SER A 73 10.14 -39.36 -8.38
CA SER A 73 8.70 -39.23 -8.47
C SER A 73 8.35 -37.93 -9.19
N PHE A 74 9.12 -36.88 -8.95
CA PHE A 74 8.84 -35.60 -9.59
C PHE A 74 9.17 -35.60 -11.08
N ARG A 75 10.15 -36.40 -11.49
CA ARG A 75 10.49 -36.49 -12.92
C ARG A 75 9.30 -37.12 -13.61
N GLU A 76 8.73 -38.15 -13.00
CA GLU A 76 7.58 -38.81 -13.58
C GLU A 76 6.40 -37.87 -13.62
N ARG A 77 6.22 -37.11 -12.55
CA ARG A 77 5.11 -36.16 -12.48
C ARG A 77 5.23 -35.14 -13.60
N LEU A 78 6.44 -34.62 -13.81
CA LEU A 78 6.67 -33.63 -14.85
C LEU A 78 6.46 -34.17 -16.27
N ASP A 79 7.07 -35.32 -16.55
CA ASP A 79 6.96 -35.92 -17.88
C ASP A 79 5.58 -36.46 -18.21
N ARG A 80 4.65 -36.24 -17.29
CA ARG A 80 3.26 -36.69 -17.44
C ARG A 80 2.35 -35.48 -17.26
N PHE A 81 2.97 -34.35 -16.94
CA PHE A 81 2.27 -33.08 -16.71
C PHE A 81 1.06 -33.29 -15.82
N GLU A 82 1.26 -34.03 -14.73
CA GLU A 82 0.17 -34.33 -13.82
C GLU A 82 -0.06 -33.23 -12.80
N ASN A 83 -1.23 -32.61 -12.88
CA ASN A 83 -1.62 -31.52 -11.99
C ASN A 83 -0.53 -30.48 -11.80
N LEU A 84 -0.08 -29.88 -12.91
CA LEU A 84 0.96 -28.86 -12.86
C LEU A 84 0.51 -27.58 -13.59
N ASP A 85 -0.78 -27.52 -13.92
CA ASP A 85 -1.31 -26.36 -14.62
C ASP A 85 -1.61 -25.24 -13.63
N HIS A 86 -0.58 -24.80 -12.93
CA HIS A 86 -0.68 -23.72 -11.95
C HIS A 86 0.71 -23.16 -11.67
N HIS A 87 0.79 -22.15 -10.80
CA HIS A 87 2.07 -21.50 -10.50
C HIS A 87 2.92 -22.21 -9.44
N ASN A 88 2.35 -23.19 -8.75
CA ASN A 88 3.08 -23.90 -7.71
C ASN A 88 4.20 -24.85 -8.17
N ILE A 89 4.61 -24.74 -9.43
CA ILE A 89 5.70 -25.57 -9.94
C ILE A 89 6.98 -25.19 -9.16
N GLY A 90 7.02 -23.96 -8.67
CA GLY A 90 8.17 -23.50 -7.93
C GLY A 90 8.32 -24.18 -6.58
N PHE A 91 7.25 -24.19 -5.80
CA PHE A 91 7.23 -24.85 -4.49
C PHE A 91 7.61 -26.32 -4.69
N LEU A 92 7.04 -26.91 -5.73
CA LEU A 92 7.23 -28.31 -6.05
C LEU A 92 8.63 -28.74 -6.46
N TYR A 93 9.27 -27.98 -7.35
CA TYR A 93 10.58 -28.36 -7.86
C TYR A 93 11.80 -27.67 -7.25
N SER A 94 11.61 -26.52 -6.59
CA SER A 94 12.73 -25.85 -5.96
C SER A 94 13.21 -26.69 -4.78
N LEU A 95 12.25 -27.16 -4.00
CA LEU A 95 12.51 -27.95 -2.80
C LEU A 95 12.81 -29.41 -3.04
N SER A 96 12.70 -29.87 -4.29
CA SER A 96 12.99 -31.28 -4.58
C SER A 96 14.21 -31.41 -5.49
N ALA A 97 14.02 -31.15 -6.78
CA ALA A 97 15.10 -31.24 -7.77
C ALA A 97 16.19 -30.18 -7.61
N LYS A 98 15.81 -28.91 -7.55
CA LYS A 98 16.81 -27.86 -7.41
C LYS A 98 17.53 -28.06 -6.09
N ALA A 99 16.81 -28.57 -5.09
CA ALA A 99 17.38 -28.81 -3.78
C ALA A 99 18.55 -29.79 -3.87
N GLN A 100 18.36 -30.89 -4.61
CA GLN A 100 19.41 -31.89 -4.77
C GLN A 100 20.64 -31.31 -5.46
N TRP A 101 20.41 -30.42 -6.41
CA TRP A 101 21.51 -29.80 -7.12
C TRP A 101 22.25 -28.86 -6.18
N ILE A 102 21.51 -28.24 -5.26
CA ILE A 102 22.09 -27.32 -4.29
C ILE A 102 22.88 -28.11 -3.26
N VAL A 103 22.34 -29.25 -2.85
CA VAL A 103 22.96 -30.12 -1.86
C VAL A 103 24.17 -30.89 -2.37
N GLU A 104 24.02 -31.62 -3.47
CA GLU A 104 25.12 -32.42 -3.97
C GLU A 104 25.50 -32.25 -5.44
N LYS A 105 25.02 -31.18 -6.06
CA LYS A 105 25.32 -30.89 -7.46
C LYS A 105 25.01 -32.01 -8.45
N ASP A 106 23.87 -32.67 -8.26
CA ASP A 106 23.47 -33.73 -9.17
C ASP A 106 22.96 -33.13 -10.47
N GLU A 107 23.70 -33.32 -11.57
CA GLU A 107 23.33 -32.77 -12.86
C GLU A 107 21.94 -33.21 -13.31
N SER A 108 21.57 -34.44 -12.99
CA SER A 108 20.26 -34.94 -13.37
C SER A 108 19.11 -34.16 -12.70
N ALA A 109 19.33 -33.77 -11.45
CA ALA A 109 18.33 -33.01 -10.71
C ALA A 109 18.27 -31.60 -11.28
N ARG A 110 19.43 -31.07 -11.65
CA ARG A 110 19.52 -29.73 -12.22
C ARG A 110 18.65 -29.63 -13.48
N LYS A 111 18.82 -30.58 -14.40
CA LYS A 111 18.06 -30.57 -15.64
C LYS A 111 16.57 -30.66 -15.38
N LEU A 112 16.19 -31.51 -14.42
CA LEU A 112 14.78 -31.66 -14.06
C LEU A 112 14.23 -30.32 -13.59
N ALA A 113 14.98 -29.63 -12.74
CA ALA A 113 14.55 -28.34 -12.22
C ALA A 113 14.41 -27.36 -13.39
N LEU A 114 15.39 -27.37 -14.29
CA LEU A 114 15.37 -26.52 -15.47
C LEU A 114 14.14 -26.86 -16.32
N ASP A 115 13.88 -28.16 -16.50
CA ASP A 115 12.72 -28.58 -17.28
C ASP A 115 11.45 -28.03 -16.67
N ALA A 116 11.40 -28.06 -15.33
CA ALA A 116 10.25 -27.57 -14.60
C ALA A 116 10.14 -26.05 -14.71
N ALA A 117 11.27 -25.36 -14.76
CA ALA A 117 11.27 -23.91 -14.89
C ALA A 117 10.63 -23.48 -16.22
N ASP A 118 10.89 -24.25 -17.27
CA ASP A 118 10.34 -23.97 -18.60
C ASP A 118 8.82 -24.04 -18.63
N VAL A 119 8.26 -25.00 -17.89
CA VAL A 119 6.82 -25.14 -17.86
C VAL A 119 6.19 -23.96 -17.14
N LEU A 120 6.78 -23.58 -16.01
CA LEU A 120 6.27 -22.46 -15.24
C LEU A 120 6.32 -21.19 -16.08
N MET A 121 7.35 -21.06 -16.91
CA MET A 121 7.49 -19.88 -17.77
C MET A 121 6.31 -19.72 -18.71
N ARG A 122 5.71 -20.82 -19.16
CA ARG A 122 4.59 -20.70 -20.06
C ARG A 122 3.28 -20.30 -19.38
N ARG A 123 3.37 -19.84 -18.13
CA ARG A 123 2.20 -19.39 -17.39
C ARG A 123 2.17 -17.86 -17.41
N TRP A 124 3.18 -17.29 -18.06
CA TRP A 124 3.27 -15.84 -18.17
C TRP A 124 2.30 -15.37 -19.25
N ARG A 125 1.52 -14.33 -18.93
CA ARG A 125 0.57 -13.78 -19.88
C ARG A 125 1.09 -12.41 -20.31
N ALA A 126 1.70 -12.37 -21.50
CA ALA A 126 2.27 -11.14 -22.03
C ALA A 126 1.31 -9.95 -22.01
N ASP A 127 0.08 -10.17 -22.44
CA ASP A 127 -0.91 -9.08 -22.47
C ASP A 127 -1.24 -8.47 -21.12
N ALA A 128 -1.21 -9.26 -20.06
CA ALA A 128 -1.53 -8.75 -18.73
C ALA A 128 -0.27 -8.44 -17.91
N GLY A 129 0.86 -8.99 -18.34
CA GLY A 129 2.12 -8.76 -17.63
C GLY A 129 2.17 -9.40 -16.25
N ILE A 130 1.64 -10.62 -16.16
CA ILE A 130 1.61 -11.36 -14.91
C ILE A 130 1.81 -12.84 -15.18
N ILE A 131 1.93 -13.61 -14.09
CA ILE A 131 2.05 -15.05 -14.19
C ILE A 131 0.73 -15.54 -13.60
N GLN A 132 -0.08 -16.20 -14.42
CA GLN A 132 -1.38 -16.69 -13.99
C GLN A 132 -1.26 -17.67 -12.82
N ALA A 133 -1.99 -17.40 -11.74
CA ALA A 133 -1.96 -18.24 -10.57
C ALA A 133 -2.57 -19.62 -10.79
N TRP A 134 -3.87 -19.68 -11.08
CA TRP A 134 -4.54 -20.95 -11.28
C TRP A 134 -5.36 -21.06 -12.56
N GLY A 135 -5.55 -22.29 -13.01
CA GLY A 135 -6.32 -22.56 -14.20
C GLY A 135 -5.54 -22.42 -15.49
N PRO A 136 -6.08 -22.92 -16.62
CA PRO A 136 -5.43 -22.84 -17.92
C PRO A 136 -5.48 -21.41 -18.43
N LYS A 137 -4.71 -21.10 -19.46
CA LYS A 137 -4.71 -19.73 -19.98
C LYS A 137 -6.09 -19.37 -20.50
N GLY A 138 -6.52 -18.16 -20.17
CA GLY A 138 -7.83 -17.69 -20.62
C GLY A 138 -8.98 -18.08 -19.72
N ASP A 139 -8.71 -18.77 -18.62
CA ASP A 139 -9.79 -19.16 -17.73
C ASP A 139 -10.72 -17.97 -17.50
N PRO A 140 -12.03 -18.18 -17.68
CA PRO A 140 -13.02 -17.13 -17.51
C PRO A 140 -12.90 -16.26 -16.25
N GLU A 141 -12.61 -16.87 -15.11
CA GLU A 141 -12.50 -16.08 -13.88
C GLU A 141 -11.10 -15.96 -13.30
N ASN A 142 -10.21 -16.90 -13.64
CA ASN A 142 -8.85 -16.85 -13.09
C ASN A 142 -7.78 -16.54 -14.12
N GLY A 143 -8.18 -16.35 -15.38
CA GLY A 143 -7.22 -16.07 -16.43
C GLY A 143 -6.36 -14.84 -16.19
N GLY A 144 -6.85 -13.90 -15.38
CA GLY A 144 -6.10 -12.69 -15.13
C GLY A 144 -5.84 -12.40 -13.66
N ARG A 145 -5.81 -13.45 -12.85
CA ARG A 145 -5.57 -13.29 -11.41
C ARG A 145 -4.17 -13.70 -10.97
N ILE A 146 -3.63 -12.95 -10.04
CA ILE A 146 -2.32 -13.25 -9.47
C ILE A 146 -2.54 -13.44 -7.98
N ILE A 147 -1.62 -14.15 -7.34
CA ILE A 147 -1.72 -14.39 -5.91
C ILE A 147 -0.38 -14.15 -5.26
N ILE A 148 -0.41 -13.60 -4.05
CA ILE A 148 0.81 -13.28 -3.32
C ILE A 148 1.74 -14.48 -3.11
N ASP A 149 1.17 -15.68 -3.15
CA ASP A 149 1.93 -16.92 -2.97
C ASP A 149 2.96 -17.07 -4.10
N CYS A 150 2.57 -16.64 -5.29
CA CYS A 150 3.40 -16.73 -6.48
C CYS A 150 4.81 -16.20 -6.30
N LEU A 151 4.99 -15.27 -5.36
CA LEU A 151 6.31 -14.71 -5.11
C LEU A 151 7.31 -15.81 -4.74
N LEU A 152 6.82 -16.84 -4.05
CA LEU A 152 7.67 -17.95 -3.61
C LEU A 152 7.97 -18.92 -4.73
N ASN A 153 7.26 -18.76 -5.85
CA ASN A 153 7.46 -19.61 -7.01
C ASN A 153 8.38 -18.98 -8.03
N LEU A 154 8.80 -17.75 -7.78
CA LEU A 154 9.68 -17.06 -8.72
C LEU A 154 11.14 -17.49 -8.60
N PRO A 155 11.59 -17.91 -7.40
CA PRO A 155 12.99 -18.33 -7.24
C PRO A 155 13.43 -19.40 -8.25
N LEU A 156 12.48 -20.25 -8.65
CA LEU A 156 12.77 -21.31 -9.60
C LEU A 156 13.15 -20.69 -10.95
N LEU A 157 12.40 -19.67 -11.36
CA LEU A 157 12.66 -19.00 -12.63
C LEU A 157 13.96 -18.23 -12.56
N LEU A 158 14.14 -17.47 -11.49
CA LEU A 158 15.34 -16.65 -11.31
C LEU A 158 16.61 -17.52 -11.29
N TRP A 159 16.51 -18.67 -10.63
CA TRP A 159 17.64 -19.59 -10.56
C TRP A 159 17.96 -20.13 -11.95
N ALA A 160 16.91 -20.51 -12.68
CA ALA A 160 17.07 -21.03 -14.03
C ALA A 160 17.65 -19.96 -14.93
N GLY A 161 17.31 -18.71 -14.66
CA GLY A 161 17.83 -17.61 -15.46
C GLY A 161 19.33 -17.55 -15.33
N GLU A 162 19.82 -17.68 -14.10
CA GLU A 162 21.23 -17.64 -13.83
C GLU A 162 21.92 -18.89 -14.36
N GLN A 163 21.20 -20.01 -14.36
CA GLN A 163 21.74 -21.26 -14.86
C GLN A 163 21.88 -21.30 -16.39
N THR A 164 20.87 -20.81 -17.10
CA THR A 164 20.87 -20.85 -18.55
C THR A 164 21.40 -19.60 -19.25
N GLY A 165 21.37 -18.47 -18.56
CA GLY A 165 21.83 -17.24 -19.18
C GLY A 165 20.73 -16.61 -20.02
N ASP A 166 19.54 -17.17 -19.93
CA ASP A 166 18.38 -16.67 -20.66
C ASP A 166 17.77 -15.51 -19.86
N PRO A 167 17.87 -14.28 -20.38
CA PRO A 167 17.34 -13.09 -19.71
C PRO A 167 15.82 -13.06 -19.50
N GLU A 168 15.08 -13.81 -20.30
CA GLU A 168 13.62 -13.81 -20.15
C GLU A 168 13.12 -14.21 -18.77
N TYR A 169 13.82 -15.15 -18.13
CA TYR A 169 13.44 -15.61 -16.81
C TYR A 169 13.36 -14.47 -15.81
N ARG A 170 14.44 -13.70 -15.73
CA ARG A 170 14.49 -12.58 -14.79
C ARG A 170 13.52 -11.46 -15.20
N ARG A 171 13.38 -11.25 -16.50
CA ARG A 171 12.50 -10.21 -16.99
C ARG A 171 11.07 -10.42 -16.50
N VAL A 172 10.49 -11.59 -16.77
CA VAL A 172 9.13 -11.86 -16.34
C VAL A 172 9.01 -11.96 -14.83
N ALA A 173 10.06 -12.43 -14.17
CA ALA A 173 10.05 -12.56 -12.72
C ALA A 173 10.00 -11.18 -12.07
N GLU A 174 10.90 -10.28 -12.47
CA GLU A 174 10.93 -8.95 -11.89
C GLU A 174 9.65 -8.19 -12.16
N ALA A 175 9.13 -8.29 -13.38
CA ALA A 175 7.90 -7.61 -13.74
C ALA A 175 6.74 -8.05 -12.84
N HIS A 176 6.60 -9.36 -12.66
CA HIS A 176 5.53 -9.90 -11.83
C HIS A 176 5.70 -9.48 -10.37
N ALA A 177 6.93 -9.46 -9.91
CA ALA A 177 7.22 -9.08 -8.54
C ALA A 177 6.80 -7.62 -8.31
N LEU A 178 7.12 -6.76 -9.27
CA LEU A 178 6.78 -5.34 -9.14
C LEU A 178 5.27 -5.12 -9.22
N LYS A 179 4.62 -5.84 -10.12
CA LYS A 179 3.18 -5.72 -10.27
C LYS A 179 2.54 -6.11 -8.93
N SER A 180 3.07 -7.16 -8.31
CA SER A 180 2.56 -7.65 -7.04
C SER A 180 2.71 -6.62 -5.94
N ARG A 181 3.83 -5.91 -5.95
CA ARG A 181 4.11 -4.88 -4.97
C ARG A 181 3.15 -3.68 -5.08
N ARG A 182 2.79 -3.32 -6.30
CA ARG A 182 1.89 -2.19 -6.52
C ARG A 182 0.45 -2.50 -6.17
N PHE A 183 -0.01 -3.68 -6.54
CA PHE A 183 -1.40 -4.04 -6.30
C PHE A 183 -1.79 -5.00 -5.17
N LEU A 184 -0.91 -5.94 -4.81
CA LEU A 184 -1.22 -6.88 -3.73
C LEU A 184 -0.91 -6.30 -2.35
N VAL A 185 0.13 -5.47 -2.27
CA VAL A 185 0.50 -4.87 -0.99
C VAL A 185 -0.32 -3.60 -0.78
N ARG A 186 -0.80 -3.39 0.44
CA ARG A 186 -1.61 -2.23 0.75
C ARG A 186 -0.86 -1.08 1.42
N GLY A 187 -1.51 0.08 1.49
CA GLY A 187 -0.90 1.26 2.07
C GLY A 187 -0.55 1.23 3.54
N ASP A 188 -1.16 0.31 4.30
CA ASP A 188 -0.84 0.21 5.72
C ASP A 188 0.14 -0.95 5.96
N ASP A 189 0.75 -1.43 4.87
CA ASP A 189 1.73 -2.50 4.91
C ASP A 189 1.11 -3.90 5.08
N SER A 190 -0.21 -3.97 4.90
CA SER A 190 -0.93 -5.24 4.98
C SER A 190 -0.98 -5.73 3.53
N SER A 191 -1.80 -6.72 3.25
CA SER A 191 -1.86 -7.21 1.87
C SER A 191 -3.12 -7.95 1.49
N TYR A 192 -3.39 -7.94 0.19
CA TYR A 192 -4.52 -8.64 -0.40
C TYR A 192 -3.98 -10.04 -0.68
N HIS A 193 -4.88 -11.02 -0.76
CA HIS A 193 -4.47 -12.38 -1.06
C HIS A 193 -4.26 -12.52 -2.56
N THR A 194 -5.26 -12.09 -3.34
CA THR A 194 -5.20 -12.18 -4.78
C THR A 194 -5.61 -10.85 -5.42
N PHE A 195 -5.24 -10.64 -6.68
CA PHE A 195 -5.63 -9.42 -7.38
C PHE A 195 -5.99 -9.76 -8.82
N TYR A 196 -7.00 -9.07 -9.35
CA TYR A 196 -7.45 -9.32 -10.72
C TYR A 196 -7.12 -8.19 -11.69
N PHE A 197 -6.68 -8.58 -12.88
CA PHE A 197 -6.35 -7.62 -13.92
C PHE A 197 -7.13 -8.00 -15.16
N ASP A 198 -7.28 -7.04 -16.07
CA ASP A 198 -7.98 -7.27 -17.32
C ASP A 198 -7.03 -8.07 -18.19
N PRO A 199 -7.43 -9.30 -18.57
CA PRO A 199 -6.61 -10.18 -19.40
C PRO A 199 -6.12 -9.54 -20.70
N GLU A 200 -6.96 -8.69 -21.28
CA GLU A 200 -6.64 -8.04 -22.54
C GLU A 200 -5.54 -6.98 -22.49
N ASN A 201 -5.53 -6.17 -21.43
CA ASN A 201 -4.55 -5.10 -21.32
C ASN A 201 -3.76 -5.05 -20.02
N GLY A 202 -4.18 -5.81 -19.02
CA GLY A 202 -3.46 -5.82 -17.76
C GLY A 202 -3.82 -4.68 -16.82
N ASN A 203 -4.99 -4.07 -17.03
CA ASN A 203 -5.42 -2.97 -16.16
C ASN A 203 -5.89 -3.52 -14.82
N ALA A 204 -5.57 -2.79 -13.75
CA ALA A 204 -5.98 -3.21 -12.41
C ALA A 204 -7.49 -3.22 -12.35
N ILE A 205 -8.04 -4.19 -11.63
CA ILE A 205 -9.48 -4.28 -11.46
C ILE A 205 -9.81 -4.23 -9.98
N ARG A 206 -9.49 -5.30 -9.25
CA ARG A 206 -9.79 -5.34 -7.83
C ARG A 206 -8.95 -6.37 -7.09
N GLY A 207 -8.82 -6.17 -5.78
CA GLY A 207 -8.08 -7.09 -4.94
C GLY A 207 -9.10 -7.96 -4.23
N GLY A 208 -8.74 -9.20 -3.92
CA GLY A 208 -9.68 -10.07 -3.24
C GLY A 208 -9.09 -11.38 -2.74
N THR A 209 -9.90 -12.15 -2.02
CA THR A 209 -9.45 -13.42 -1.47
C THR A 209 -10.56 -14.46 -1.39
N HIS A 210 -10.17 -15.71 -1.21
CA HIS A 210 -11.13 -16.80 -1.06
C HIS A 210 -10.71 -17.59 0.18
N GLN A 211 -9.56 -17.24 0.73
CA GLN A 211 -9.04 -17.89 1.93
C GLN A 211 -8.98 -16.93 3.13
N GLY A 212 -8.92 -15.63 2.85
CA GLY A 212 -8.89 -14.64 3.93
C GLY A 212 -10.33 -14.41 4.40
N ASN A 213 -10.51 -13.74 5.53
CA ASN A 213 -11.85 -13.50 6.03
C ASN A 213 -12.72 -12.66 5.09
N THR A 214 -12.14 -11.59 4.54
CA THR A 214 -12.86 -10.74 3.59
C THR A 214 -11.83 -10.23 2.58
N ASP A 215 -12.31 -9.67 1.48
CA ASP A 215 -11.39 -9.16 0.46
C ASP A 215 -10.43 -8.13 1.04
N GLY A 216 -10.84 -7.47 2.11
CA GLY A 216 -9.99 -6.46 2.71
C GLY A 216 -9.28 -6.82 4.01
N SER A 217 -9.35 -8.08 4.42
CA SER A 217 -8.70 -8.49 5.67
C SER A 217 -7.24 -8.83 5.38
N THR A 218 -6.57 -9.45 6.35
CA THR A 218 -5.18 -9.83 6.17
C THR A 218 -4.98 -11.30 6.56
N TRP A 219 -5.04 -12.17 5.57
CA TRP A 219 -4.84 -13.61 5.75
C TRP A 219 -3.39 -13.72 6.18
N THR A 220 -3.15 -14.13 7.43
CA THR A 220 -1.77 -14.20 7.94
C THR A 220 -0.78 -14.98 7.09
N ARG A 221 -1.21 -16.06 6.43
CA ARG A 221 -0.27 -16.80 5.59
C ARG A 221 0.04 -15.95 4.37
N GLY A 222 -0.96 -15.22 3.89
CA GLY A 222 -0.77 -14.35 2.75
C GLY A 222 0.32 -13.35 3.10
N GLN A 223 0.19 -12.71 4.26
CA GLN A 223 1.17 -11.73 4.71
C GLN A 223 2.54 -12.41 4.77
N ALA A 224 2.58 -13.61 5.34
CA ALA A 224 3.82 -14.38 5.45
C ALA A 224 4.46 -14.62 4.09
N TRP A 225 3.66 -15.06 3.10
CA TRP A 225 4.20 -15.31 1.77
C TRP A 225 4.83 -14.02 1.25
N GLY A 226 4.19 -12.89 1.56
CA GLY A 226 4.71 -11.62 1.11
C GLY A 226 6.07 -11.31 1.72
N ILE A 227 6.16 -11.43 3.03
CA ILE A 227 7.40 -11.16 3.73
C ILE A 227 8.58 -11.96 3.17
N TYR A 228 8.45 -13.27 3.14
CA TYR A 228 9.52 -14.13 2.63
C TYR A 228 9.68 -13.97 1.11
N GLY A 229 8.55 -13.96 0.40
CA GLY A 229 8.60 -13.83 -1.04
C GLY A 229 9.30 -12.57 -1.54
N PHE A 230 8.94 -11.41 -1.01
CA PHE A 230 9.57 -10.19 -1.46
C PHE A 230 11.04 -10.18 -1.10
N ALA A 231 11.38 -10.76 0.04
CA ALA A 231 12.77 -10.82 0.45
C ALA A 231 13.61 -11.69 -0.49
N LEU A 232 13.02 -12.79 -0.98
CA LEU A 232 13.73 -13.69 -1.89
C LEU A 232 13.96 -13.05 -3.26
N ASN A 233 12.94 -12.37 -3.77
CA ASN A 233 13.07 -11.71 -5.05
C ASN A 233 14.06 -10.57 -4.87
N SER A 234 14.01 -9.95 -3.71
CA SER A 234 14.92 -8.86 -3.38
C SER A 234 16.37 -9.32 -3.56
N ARG A 235 16.68 -10.50 -3.04
CA ARG A 235 18.03 -11.02 -3.14
C ARG A 235 18.45 -11.26 -4.58
N TYR A 236 17.64 -11.99 -5.33
CA TYR A 236 17.97 -12.29 -6.73
C TYR A 236 18.11 -11.05 -7.61
N LEU A 237 17.18 -10.11 -7.46
CA LEU A 237 17.16 -8.90 -8.27
C LEU A 237 17.99 -7.73 -7.77
N GLY A 238 18.37 -7.77 -6.50
CA GLY A 238 19.13 -6.65 -5.95
C GLY A 238 18.22 -5.44 -6.04
N ASN A 239 16.96 -5.61 -5.70
CA ASN A 239 15.98 -4.53 -5.74
C ASN A 239 15.69 -3.98 -4.35
N ALA A 240 16.23 -2.80 -4.06
CA ALA A 240 16.03 -2.18 -2.76
C ALA A 240 14.55 -1.97 -2.44
N ASP A 241 13.74 -1.71 -3.46
CA ASP A 241 12.31 -1.50 -3.25
C ASP A 241 11.59 -2.74 -2.74
N LEU A 242 11.88 -3.89 -3.34
CA LEU A 242 11.24 -5.13 -2.91
C LEU A 242 11.66 -5.46 -1.48
N LEU A 243 12.92 -5.19 -1.16
CA LEU A 243 13.43 -5.44 0.19
C LEU A 243 12.70 -4.53 1.17
N GLU A 244 12.50 -3.28 0.77
CA GLU A 244 11.82 -2.32 1.64
C GLU A 244 10.41 -2.83 1.95
N THR A 245 9.75 -3.37 0.92
CA THR A 245 8.41 -3.90 1.07
C THR A 245 8.40 -5.10 2.02
N ALA A 246 9.43 -5.94 1.91
CA ALA A 246 9.54 -7.11 2.77
C ALA A 246 9.56 -6.63 4.21
N LYS A 247 10.39 -5.63 4.50
CA LYS A 247 10.51 -5.09 5.84
C LYS A 247 9.21 -4.46 6.33
N ARG A 248 8.52 -3.75 5.43
CA ARG A 248 7.26 -3.12 5.82
C ARG A 248 6.26 -4.19 6.23
N MET A 249 6.05 -5.19 5.36
CA MET A 249 5.12 -6.28 5.66
C MET A 249 5.52 -7.04 6.90
N ALA A 250 6.81 -7.09 7.18
CA ALA A 250 7.33 -7.80 8.35
C ALA A 250 6.94 -7.05 9.62
N ARG A 251 7.19 -5.74 9.65
CA ARG A 251 6.86 -4.94 10.81
C ARG A 251 5.36 -4.97 11.10
N HIS A 252 4.56 -5.02 10.04
CA HIS A 252 3.11 -5.07 10.16
C HIS A 252 2.72 -6.37 10.88
N PHE A 253 3.31 -7.46 10.39
CA PHE A 253 3.08 -8.79 10.95
C PHE A 253 3.46 -8.81 12.43
N LEU A 254 4.69 -8.40 12.72
CA LEU A 254 5.21 -8.39 14.09
C LEU A 254 4.37 -7.64 15.11
N ALA A 255 3.80 -6.51 14.71
CA ALA A 255 3.00 -5.71 15.63
C ALA A 255 1.64 -6.34 15.92
N ARG A 256 1.31 -7.41 15.21
CA ARG A 256 0.02 -8.08 15.40
C ARG A 256 0.12 -9.53 15.91
N VAL A 257 1.29 -9.89 16.44
CA VAL A 257 1.50 -11.23 16.97
C VAL A 257 0.86 -11.28 18.36
N PRO A 258 -0.02 -12.26 18.61
CA PRO A 258 -0.65 -12.33 19.94
C PRO A 258 0.29 -12.74 21.06
N GLU A 259 -0.27 -12.77 22.26
CA GLU A 259 0.46 -13.09 23.49
C GLU A 259 1.37 -14.30 23.45
N ASP A 260 0.88 -15.42 22.96
CA ASP A 260 1.71 -16.62 22.94
C ASP A 260 2.70 -16.68 21.78
N GLY A 261 2.85 -15.56 21.06
CA GLY A 261 3.81 -15.50 19.97
C GLY A 261 3.49 -16.14 18.62
N VAL A 262 2.32 -16.77 18.50
CA VAL A 262 1.94 -17.38 17.24
C VAL A 262 0.62 -16.75 16.80
N VAL A 263 0.57 -16.33 15.54
CA VAL A 263 -0.59 -15.64 14.99
C VAL A 263 -1.86 -16.42 14.75
N TYR A 264 -2.98 -15.71 14.68
CA TYR A 264 -4.27 -16.31 14.38
C TYR A 264 -4.31 -16.43 12.86
N TRP A 265 -5.35 -17.01 12.30
CA TRP A 265 -5.42 -17.19 10.86
C TRP A 265 -5.56 -15.92 10.02
N ASP A 266 -6.18 -14.90 10.60
CA ASP A 266 -6.38 -13.62 9.91
C ASP A 266 -6.25 -12.52 10.96
N PHE A 267 -5.55 -11.44 10.63
CA PHE A 267 -5.36 -10.34 11.58
C PHE A 267 -6.63 -9.51 11.83
N GLU A 268 -7.58 -9.57 10.90
CA GLU A 268 -8.79 -8.77 11.04
C GLU A 268 -10.06 -9.45 11.56
N VAL A 269 -9.88 -10.49 12.35
CA VAL A 269 -11.01 -11.17 12.97
C VAL A 269 -10.68 -11.02 14.45
N PRO A 270 -11.66 -11.24 15.33
CA PRO A 270 -11.33 -11.08 16.75
C PRO A 270 -10.11 -11.95 17.11
N GLN A 271 -9.11 -11.35 17.73
CA GLN A 271 -7.92 -12.07 18.12
C GLN A 271 -8.21 -12.74 19.46
N GLU A 272 -9.07 -13.75 19.42
CA GLU A 272 -9.53 -14.46 20.61
C GLU A 272 -9.12 -15.94 20.64
N PRO A 273 -8.76 -16.46 21.84
CA PRO A 273 -8.35 -17.84 22.03
C PRO A 273 -9.17 -18.92 21.31
N SER A 274 -10.48 -18.71 21.17
CA SER A 274 -11.33 -19.71 20.50
C SER A 274 -11.24 -19.66 18.98
N SER A 275 -10.52 -18.67 18.47
CA SER A 275 -10.37 -18.53 17.01
C SER A 275 -9.23 -19.42 16.52
N TYR A 276 -9.32 -19.83 15.26
CA TYR A 276 -8.28 -20.66 14.68
C TYR A 276 -6.98 -19.90 14.58
N ARG A 277 -5.88 -20.65 14.59
CA ARG A 277 -4.53 -20.09 14.48
C ARG A 277 -3.96 -20.55 13.15
N ASP A 278 -2.73 -20.15 12.87
CA ASP A 278 -2.03 -20.59 11.67
C ASP A 278 -0.55 -20.57 11.99
N SER A 279 -0.09 -21.66 12.60
CA SER A 279 1.32 -21.76 12.96
C SER A 279 2.21 -21.69 11.72
N SER A 280 1.69 -22.13 10.58
CA SER A 280 2.49 -22.09 9.36
C SER A 280 2.87 -20.66 8.98
N ALA A 281 1.95 -19.72 9.23
CA ALA A 281 2.21 -18.32 8.91
C ALA A 281 3.38 -17.82 9.73
N SER A 282 3.39 -18.17 11.02
CA SER A 282 4.48 -17.76 11.90
C SER A 282 5.79 -18.40 11.46
N ALA A 283 5.71 -19.66 11.01
CA ALA A 283 6.88 -20.39 10.55
C ALA A 283 7.47 -19.74 9.31
N ILE A 284 6.61 -19.47 8.32
CA ILE A 284 7.08 -18.84 7.10
C ILE A 284 7.73 -17.52 7.44
N THR A 285 7.08 -16.74 8.31
CA THR A 285 7.60 -15.44 8.69
C THR A 285 8.95 -15.53 9.38
N ALA A 286 9.16 -16.54 10.23
CA ALA A 286 10.45 -16.67 10.90
C ALA A 286 11.54 -16.76 9.84
N CYS A 287 11.28 -17.53 8.79
CA CYS A 287 12.26 -17.66 7.70
C CYS A 287 12.40 -16.32 6.97
N GLY A 288 11.28 -15.66 6.73
CA GLY A 288 11.30 -14.37 6.05
C GLY A 288 12.16 -13.38 6.80
N LEU A 289 11.94 -13.27 8.11
CA LEU A 289 12.71 -12.37 8.94
C LEU A 289 14.21 -12.61 8.83
N LEU A 290 14.64 -13.87 8.90
CA LEU A 290 16.06 -14.21 8.80
C LEU A 290 16.63 -13.86 7.43
N GLU A 291 15.82 -14.07 6.39
CA GLU A 291 16.25 -13.75 5.03
C GLU A 291 16.47 -12.25 4.89
N ILE A 292 15.52 -11.47 5.40
CA ILE A 292 15.61 -10.01 5.35
C ILE A 292 16.87 -9.58 6.08
N ALA A 293 17.03 -10.08 7.30
CA ALA A 293 18.19 -9.76 8.11
C ALA A 293 19.48 -10.05 7.34
N SER A 294 19.52 -11.19 6.68
CA SER A 294 20.72 -11.59 5.94
C SER A 294 21.07 -10.60 4.82
N GLN A 295 20.11 -9.79 4.40
CA GLN A 295 20.35 -8.82 3.33
C GLN A 295 20.65 -7.41 3.83
N LEU A 296 20.56 -7.21 5.14
CA LEU A 296 20.82 -5.90 5.71
C LEU A 296 22.27 -5.71 6.10
N ASP A 297 22.67 -4.46 6.27
CA ASP A 297 24.04 -4.16 6.64
C ASP A 297 24.22 -4.45 8.12
N GLU A 298 25.43 -4.83 8.52
CA GLU A 298 25.69 -5.16 9.92
C GLU A 298 25.43 -3.96 10.84
N SER A 299 25.64 -2.76 10.32
CA SER A 299 25.42 -1.56 11.12
C SER A 299 23.94 -1.19 11.21
N ASP A 300 23.11 -1.93 10.49
CA ASP A 300 21.67 -1.68 10.51
C ASP A 300 21.16 -2.32 11.80
N PRO A 301 20.78 -1.49 12.79
CA PRO A 301 20.29 -2.06 14.06
C PRO A 301 19.06 -2.95 13.90
N GLU A 302 18.26 -2.68 12.87
CA GLU A 302 17.04 -3.46 12.64
C GLU A 302 17.38 -4.89 12.24
N ARG A 303 18.61 -5.13 11.81
CA ARG A 303 19.03 -6.46 11.40
C ARG A 303 18.95 -7.42 12.58
N GLN A 304 19.60 -7.08 13.68
CA GLN A 304 19.58 -7.93 14.87
C GLN A 304 18.16 -7.98 15.43
N ARG A 305 17.41 -6.91 15.26
CA ARG A 305 16.04 -6.85 15.75
C ARG A 305 15.17 -7.90 15.03
N PHE A 306 15.43 -8.11 13.75
CA PHE A 306 14.67 -9.11 13.00
C PHE A 306 15.12 -10.52 13.38
N ILE A 307 16.43 -10.69 13.52
CA ILE A 307 16.97 -11.99 13.90
C ILE A 307 16.35 -12.40 15.24
N ASP A 308 16.35 -11.48 16.19
CA ASP A 308 15.77 -11.77 17.49
C ASP A 308 14.28 -12.08 17.42
N ALA A 309 13.57 -11.42 16.50
CA ALA A 309 12.14 -11.67 16.36
C ALA A 309 11.94 -13.06 15.75
N ALA A 310 12.85 -13.44 14.88
CA ALA A 310 12.79 -14.76 14.25
C ALA A 310 13.01 -15.82 15.33
N LYS A 311 13.98 -15.58 16.20
CA LYS A 311 14.29 -16.50 17.29
C LYS A 311 13.12 -16.61 18.25
N THR A 312 12.56 -15.47 18.62
CA THR A 312 11.43 -15.45 19.52
C THR A 312 10.27 -16.23 18.93
N THR A 313 10.10 -16.13 17.61
CA THR A 313 9.02 -16.82 16.91
C THR A 313 9.23 -18.33 16.92
N VAL A 314 10.44 -18.77 16.58
CA VAL A 314 10.75 -20.20 16.57
C VAL A 314 10.56 -20.75 18.00
N THR A 315 11.03 -20.01 18.99
CA THR A 315 10.89 -20.43 20.38
C THR A 315 9.41 -20.53 20.75
N ALA A 316 8.62 -19.57 20.29
CA ALA A 316 7.18 -19.58 20.58
C ALA A 316 6.54 -20.81 19.94
N LEU A 317 6.96 -21.14 18.72
CA LEU A 317 6.42 -22.30 18.04
C LEU A 317 6.82 -23.57 18.81
N ARG A 318 8.07 -23.62 19.21
CA ARG A 318 8.60 -24.77 19.95
C ARG A 318 7.87 -25.02 21.27
N ASP A 319 7.75 -23.99 22.11
CA ASP A 319 7.09 -24.13 23.40
C ASP A 319 5.60 -24.39 23.38
N GLY A 320 4.89 -23.80 22.43
CA GLY A 320 3.44 -24.00 22.41
C GLY A 320 2.79 -24.82 21.33
N TYR A 321 3.47 -25.07 20.22
CA TYR A 321 2.86 -25.83 19.14
C TYR A 321 3.62 -27.08 18.66
N ALA A 322 4.89 -27.19 19.02
CA ALA A 322 5.70 -28.33 18.58
C ALA A 322 5.37 -29.68 19.22
N GLU A 323 5.37 -30.71 18.39
CA GLU A 323 5.09 -32.07 18.84
C GLU A 323 6.41 -32.73 19.23
N ARG A 324 6.41 -33.44 20.36
CA ARG A 324 7.62 -34.15 20.79
C ARG A 324 7.57 -35.48 20.04
N ASP A 325 8.72 -36.08 19.75
CA ASP A 325 8.74 -37.36 19.04
C ASP A 325 8.29 -38.45 20.00
N ASP A 326 6.98 -38.64 20.13
CA ASP A 326 6.42 -39.64 21.01
C ASP A 326 6.10 -40.95 20.29
N GLY A 327 6.67 -41.14 19.11
CA GLY A 327 6.44 -42.35 18.36
C GLY A 327 5.14 -42.41 17.59
N GLU A 328 4.24 -41.46 17.83
CA GLU A 328 2.96 -41.43 17.15
C GLU A 328 2.74 -40.19 16.28
N ALA A 329 3.07 -39.02 16.83
CA ALA A 329 2.90 -37.76 16.11
C ALA A 329 3.66 -37.74 14.80
N GLU A 330 2.99 -37.30 13.75
CA GLU A 330 3.58 -37.24 12.42
C GLU A 330 3.91 -35.81 11.97
N GLY A 331 3.55 -34.81 12.77
CA GLY A 331 3.82 -33.42 12.40
C GLY A 331 4.74 -32.67 13.36
N PHE A 332 5.47 -31.70 12.84
CA PHE A 332 6.39 -30.90 13.66
C PHE A 332 5.65 -29.92 14.56
N ILE A 333 4.74 -29.16 13.97
CA ILE A 333 3.98 -28.16 14.73
C ILE A 333 2.47 -28.28 14.52
N ARG A 334 1.72 -28.04 15.59
CA ARG A 334 0.28 -28.13 15.56
C ARG A 334 -0.39 -26.80 15.20
N ARG A 335 -1.70 -26.85 15.05
CA ARG A 335 -2.51 -25.67 14.80
C ARG A 335 -2.22 -24.84 13.56
N GLY A 336 -2.02 -25.54 12.44
CA GLY A 336 -1.81 -24.85 11.19
C GLY A 336 -3.24 -24.83 10.66
N SER A 337 -3.52 -24.00 9.66
CA SER A 337 -4.87 -23.95 9.10
C SER A 337 -4.75 -23.83 7.59
N TYR A 338 -5.40 -24.72 6.87
CA TYR A 338 -5.33 -24.72 5.41
C TYR A 338 -6.33 -23.74 4.80
N HIS A 339 -7.62 -24.02 4.98
CA HIS A 339 -8.68 -23.16 4.45
C HIS A 339 -9.80 -23.05 5.49
N VAL A 340 -9.62 -22.12 6.43
CA VAL A 340 -10.57 -21.89 7.51
C VAL A 340 -12.00 -21.64 7.02
N ARG A 341 -12.17 -20.67 6.15
CA ARG A 341 -13.51 -20.36 5.64
C ARG A 341 -14.10 -21.53 4.88
N GLY A 342 -13.24 -22.43 4.39
CA GLY A 342 -13.70 -23.58 3.65
C GLY A 342 -13.95 -24.81 4.53
N GLY A 343 -13.42 -24.78 5.75
CA GLY A 343 -13.59 -25.92 6.65
C GLY A 343 -12.60 -27.03 6.38
N ILE A 344 -11.56 -26.74 5.61
CA ILE A 344 -10.54 -27.73 5.29
C ILE A 344 -9.32 -27.63 6.20
N SER A 345 -9.14 -28.63 7.06
CA SER A 345 -8.04 -28.70 8.00
C SER A 345 -7.64 -27.35 8.58
N PRO A 346 -8.53 -26.74 9.38
CA PRO A 346 -8.31 -25.44 10.01
C PRO A 346 -7.51 -25.46 11.32
N ASP A 347 -7.16 -26.65 11.80
CA ASP A 347 -6.44 -26.78 13.07
C ASP A 347 -5.67 -28.08 12.94
N ASP A 348 -4.64 -28.07 12.10
CA ASP A 348 -3.88 -29.27 11.83
C ASP A 348 -2.43 -29.07 11.43
N TYR A 349 -1.80 -30.19 11.09
CA TYR A 349 -0.42 -30.16 10.63
C TYR A 349 -0.55 -29.68 9.20
N THR A 350 0.45 -28.95 8.73
CA THR A 350 0.49 -28.55 7.34
C THR A 350 1.93 -28.82 7.00
N ILE A 351 2.14 -29.51 5.88
CA ILE A 351 3.48 -29.87 5.46
C ILE A 351 4.35 -28.65 5.17
N TRP A 352 3.75 -27.55 4.71
CA TRP A 352 4.55 -26.37 4.45
C TRP A 352 4.93 -25.77 5.80
N GLY A 353 4.00 -25.79 6.73
CA GLY A 353 4.32 -25.26 8.05
C GLY A 353 5.52 -25.98 8.63
N ASP A 354 5.51 -27.30 8.49
CA ASP A 354 6.60 -28.13 8.98
C ASP A 354 7.91 -27.79 8.30
N TYR A 355 7.87 -27.62 6.99
CA TYR A 355 9.09 -27.30 6.27
C TYR A 355 9.72 -25.99 6.72
N TYR A 356 8.93 -24.91 6.72
CA TYR A 356 9.47 -23.62 7.13
C TYR A 356 9.94 -23.63 8.58
N TYR A 357 9.26 -24.38 9.43
CA TYR A 357 9.64 -24.48 10.83
C TYR A 357 11.05 -25.08 10.91
N LEU A 358 11.28 -26.12 10.12
CA LEU A 358 12.58 -26.77 10.11
C LEU A 358 13.62 -25.88 9.45
N GLU A 359 13.25 -25.23 8.35
CA GLU A 359 14.20 -24.37 7.66
C GLU A 359 14.68 -23.30 8.63
N ALA A 360 13.76 -22.77 9.43
CA ALA A 360 14.10 -21.74 10.41
C ALA A 360 15.13 -22.30 11.39
N LEU A 361 14.88 -23.50 11.89
CA LEU A 361 15.81 -24.13 12.82
C LEU A 361 17.17 -24.34 12.17
N LEU A 362 17.20 -24.87 10.96
CA LEU A 362 18.45 -25.09 10.25
C LEU A 362 19.19 -23.77 10.03
N ARG A 363 18.44 -22.70 9.74
CA ARG A 363 19.04 -21.39 9.52
C ARG A 363 19.71 -20.92 10.80
N LEU A 364 19.00 -21.04 11.91
CA LEU A 364 19.49 -20.61 13.21
C LEU A 364 20.59 -21.46 13.83
N GLU A 365 20.59 -22.76 13.54
CA GLU A 365 21.57 -23.67 14.10
C GLU A 365 22.77 -23.93 13.21
N ARG A 366 22.55 -24.18 11.93
CA ARG A 366 23.63 -24.48 10.99
C ARG A 366 23.85 -23.46 9.87
N GLY A 367 23.02 -22.43 9.83
CA GLY A 367 23.16 -21.44 8.78
C GLY A 367 22.76 -22.01 7.43
N VAL A 368 22.01 -23.10 7.44
CA VAL A 368 21.53 -23.71 6.20
C VAL A 368 20.26 -22.96 5.78
N THR A 369 20.33 -22.31 4.62
CA THR A 369 19.24 -21.48 4.13
C THR A 369 18.18 -22.04 3.20
N GLY A 370 17.96 -23.34 3.22
CA GLY A 370 16.93 -23.89 2.35
C GLY A 370 17.31 -24.00 0.89
N TYR A 371 16.30 -24.13 0.03
CA TYR A 371 16.54 -24.32 -1.39
C TYR A 371 15.90 -23.29 -2.34
N TRP A 372 15.96 -22.01 -1.97
CA TRP A 372 15.39 -20.98 -2.84
C TRP A 372 16.47 -20.38 -3.74
N TYR A 373 17.72 -20.52 -3.32
CA TYR A 373 18.85 -20.00 -4.09
C TYR A 373 20.15 -20.74 -3.73
N GLU A 374 21.12 -20.69 -4.64
CA GLU A 374 22.41 -21.34 -4.44
C GLU A 374 23.01 -20.87 -3.12
N ARG A 375 23.67 -21.77 -2.40
CA ARG A 375 24.30 -21.38 -1.14
C ARG A 375 25.43 -20.43 -1.53
N GLY A 376 25.50 -19.30 -0.85
CA GLY A 376 26.53 -18.32 -1.18
C GLY A 376 26.12 -17.48 -2.39
N ARG A 377 24.86 -17.04 -2.40
CA ARG A 377 24.33 -16.22 -3.48
C ARG A 377 23.20 -15.31 -2.97
N MET B 1 12.62 37.18 -2.03
CA MET B 1 12.93 36.07 -2.98
C MET B 1 11.68 35.69 -3.77
N TRP B 2 10.56 35.59 -3.07
CA TRP B 2 9.30 35.23 -3.69
C TRP B 2 8.41 36.46 -3.79
N GLN B 3 8.97 37.61 -3.40
CA GLN B 3 8.23 38.85 -3.42
C GLN B 3 7.64 39.19 -4.78
N GLN B 4 8.39 38.97 -5.84
CA GLN B 4 7.91 39.27 -7.18
C GLN B 4 6.74 38.36 -7.54
N ALA B 5 6.85 37.08 -7.20
CA ALA B 5 5.80 36.12 -7.47
C ALA B 5 4.55 36.47 -6.69
N ILE B 6 4.73 36.88 -5.43
CA ILE B 6 3.60 37.24 -4.60
C ILE B 6 3.01 38.56 -5.11
N GLY B 7 3.88 39.48 -5.49
CA GLY B 7 3.42 40.76 -6.00
C GLY B 7 2.41 40.57 -7.12
N ASP B 8 2.73 39.70 -8.08
CA ASP B 8 1.82 39.45 -9.20
C ASP B 8 0.50 38.89 -8.70
N ALA B 9 0.55 38.00 -7.72
CA ALA B 9 -0.67 37.40 -7.18
C ALA B 9 -1.54 38.46 -6.48
N LEU B 10 -0.90 39.39 -5.77
CA LEU B 10 -1.62 40.45 -5.08
C LEU B 10 -2.35 41.33 -6.09
N GLY B 11 -1.65 41.71 -7.14
CA GLY B 11 -2.24 42.55 -8.17
C GLY B 11 -3.44 41.88 -8.81
N ILE B 12 -3.25 40.65 -9.25
CA ILE B 12 -4.32 39.89 -9.89
C ILE B 12 -5.55 39.77 -8.96
N THR B 13 -5.29 39.52 -7.68
CA THR B 13 -6.39 39.37 -6.73
C THR B 13 -7.14 40.69 -6.50
N ALA B 14 -6.42 41.78 -6.34
CA ALA B 14 -7.04 43.09 -6.12
C ALA B 14 -8.02 43.38 -7.26
N ARG B 15 -7.59 43.14 -8.49
CA ARG B 15 -8.43 43.36 -9.67
C ARG B 15 -9.62 42.40 -9.66
N ASN B 16 -9.36 41.13 -9.35
CA ASN B 16 -10.43 40.14 -9.31
C ASN B 16 -11.49 40.48 -8.28
N LEU B 17 -11.04 40.87 -7.09
CA LEU B 17 -11.98 41.19 -6.02
C LEU B 17 -13.07 42.18 -6.45
N LYS B 18 -12.66 43.24 -7.14
CA LYS B 18 -13.61 44.26 -7.59
C LYS B 18 -14.48 43.73 -8.72
N LYS B 19 -13.84 43.06 -9.68
CA LYS B 19 -14.53 42.50 -10.83
C LYS B 19 -15.53 41.41 -10.47
N PHE B 20 -15.12 40.48 -9.60
CA PHE B 20 -16.00 39.37 -9.20
C PHE B 20 -17.11 39.79 -8.26
N GLY B 21 -16.89 40.90 -7.54
CA GLY B 21 -17.91 41.37 -6.61
C GLY B 21 -18.15 40.36 -5.50
N ASP B 22 -19.30 39.71 -5.52
CA ASP B 22 -19.62 38.72 -4.50
C ASP B 22 -19.68 37.32 -5.09
N ARG B 23 -19.19 37.17 -6.32
CA ARG B 23 -19.19 35.87 -6.97
C ARG B 23 -17.86 35.14 -6.72
N PHE B 24 -17.82 33.86 -7.05
CA PHE B 24 -16.62 33.04 -6.82
C PHE B 24 -16.01 32.39 -8.06
N PRO B 25 -14.67 32.49 -8.21
CA PRO B 25 -13.99 31.89 -9.35
C PRO B 25 -13.82 30.39 -9.10
N HIS B 26 -13.92 29.60 -10.18
CA HIS B 26 -13.81 28.15 -10.11
C HIS B 26 -12.64 27.73 -11.01
N VAL B 27 -12.89 27.66 -12.32
CA VAL B 27 -11.85 27.32 -13.28
C VAL B 27 -12.00 28.21 -14.51
N SER B 28 -10.97 28.28 -15.34
CA SER B 28 -11.09 29.05 -16.57
C SER B 28 -11.52 27.99 -17.57
N ASP B 29 -11.84 28.40 -18.78
CA ASP B 29 -12.28 27.45 -19.79
C ASP B 29 -11.89 27.93 -21.18
N GLY B 30 -10.60 27.89 -21.47
CA GLY B 30 -10.12 28.30 -22.77
C GLY B 30 -9.66 29.75 -22.88
N SER B 31 -9.59 30.47 -21.76
CA SER B 31 -9.16 31.87 -21.80
C SER B 31 -8.58 32.30 -20.45
N ASN B 32 -8.10 33.55 -20.38
CA ASN B 32 -7.52 34.06 -19.15
C ASN B 32 -8.55 34.61 -18.17
N LYS B 33 -9.80 34.24 -18.35
CA LYS B 33 -10.86 34.68 -17.46
C LYS B 33 -11.45 33.49 -16.71
N TYR B 34 -11.71 33.68 -15.42
CA TYR B 34 -12.31 32.64 -14.60
C TYR B 34 -13.80 32.58 -14.88
N VAL B 35 -14.38 31.39 -14.67
CA VAL B 35 -15.82 31.19 -14.82
C VAL B 35 -16.28 31.36 -13.37
N LEU B 36 -17.39 32.04 -13.14
CA LEU B 36 -17.84 32.29 -11.78
C LEU B 36 -19.15 31.60 -11.42
N ASN B 37 -19.33 31.40 -10.12
CA ASN B 37 -20.55 30.77 -9.60
C ASN B 37 -20.94 31.54 -8.35
N ASP B 38 -22.19 31.38 -7.93
CA ASP B 38 -22.68 32.08 -6.75
C ASP B 38 -22.59 31.21 -5.50
N ASN B 39 -21.38 30.74 -5.22
CA ASN B 39 -21.11 29.89 -4.06
C ASN B 39 -21.92 28.60 -4.10
N THR B 40 -21.72 27.81 -5.15
CA THR B 40 -22.46 26.57 -5.33
C THR B 40 -21.59 25.35 -5.64
N ASP B 41 -20.27 25.49 -5.58
CA ASP B 41 -19.40 24.35 -5.89
C ASP B 41 -18.55 23.93 -4.68
N TRP B 42 -17.55 23.08 -4.92
CA TRP B 42 -16.68 22.64 -3.83
C TRP B 42 -15.44 23.50 -3.70
N THR B 43 -15.21 24.37 -4.68
CA THR B 43 -14.02 25.22 -4.71
C THR B 43 -14.13 26.64 -4.15
N ASP B 44 -15.32 27.02 -3.72
CA ASP B 44 -15.54 28.38 -3.21
C ASP B 44 -14.64 28.84 -2.08
N GLY B 45 -14.28 27.95 -1.18
CA GLY B 45 -13.42 28.33 -0.07
C GLY B 45 -12.02 28.76 -0.47
N PHE B 46 -11.54 28.29 -1.62
CA PHE B 46 -10.20 28.65 -2.07
C PHE B 46 -10.10 30.16 -2.36
N TRP B 47 -11.21 30.75 -2.77
CA TRP B 47 -11.25 32.18 -3.05
C TRP B 47 -11.06 32.87 -1.71
N SER B 48 -11.80 32.43 -0.71
CA SER B 48 -11.69 33.00 0.63
C SER B 48 -10.26 32.85 1.13
N GLY B 49 -9.69 31.67 0.93
CA GLY B 49 -8.34 31.41 1.37
C GLY B 49 -7.36 32.37 0.74
N ILE B 50 -7.51 32.58 -0.57
CA ILE B 50 -6.64 33.50 -1.28
C ILE B 50 -6.79 34.91 -0.67
N LEU B 51 -8.03 35.34 -0.47
CA LEU B 51 -8.27 36.66 0.11
C LEU B 51 -7.59 36.81 1.47
N TRP B 52 -7.76 35.83 2.35
CA TRP B 52 -7.13 35.91 3.67
C TRP B 52 -5.60 35.91 3.55
N LEU B 53 -5.06 35.08 2.65
CA LEU B 53 -3.62 35.04 2.49
C LEU B 53 -3.11 36.41 2.05
N CYS B 54 -3.79 37.00 1.07
CA CYS B 54 -3.40 38.32 0.58
C CYS B 54 -3.45 39.31 1.73
N TYR B 55 -4.49 39.23 2.54
CA TYR B 55 -4.64 40.14 3.68
C TYR B 55 -3.47 39.99 4.66
N GLU B 56 -3.16 38.74 5.02
CA GLU B 56 -2.07 38.48 5.95
C GLU B 56 -0.74 38.99 5.45
N TYR B 57 -0.53 38.94 4.14
CA TYR B 57 0.73 39.40 3.57
C TYR B 57 0.85 40.92 3.56
N THR B 58 -0.24 41.59 3.21
CA THR B 58 -0.27 43.04 3.08
C THR B 58 -0.78 43.90 4.24
N GLY B 59 -1.84 43.45 4.89
CA GLY B 59 -2.41 44.24 5.97
C GLY B 59 -3.40 45.22 5.35
N ASP B 60 -3.59 45.09 4.04
CA ASP B 60 -4.49 45.95 3.29
C ASP B 60 -5.94 45.49 3.48
N GLU B 61 -6.70 46.27 4.24
CA GLU B 61 -8.11 45.97 4.54
C GLU B 61 -8.98 45.60 3.34
N GLN B 62 -8.53 45.96 2.14
CA GLN B 62 -9.28 45.65 0.93
C GLN B 62 -9.51 44.13 0.83
N TYR B 63 -8.51 43.34 1.21
CA TYR B 63 -8.64 41.89 1.14
C TYR B 63 -9.53 41.35 2.27
N ARG B 64 -9.39 41.96 3.44
CA ARG B 64 -10.17 41.57 4.61
C ARG B 64 -11.68 41.72 4.37
N GLU B 65 -12.10 42.86 3.85
CA GLU B 65 -13.52 43.08 3.60
C GLU B 65 -14.02 42.09 2.55
N GLY B 66 -13.20 41.82 1.54
CA GLY B 66 -13.61 40.89 0.51
C GLY B 66 -13.79 39.50 1.11
N ALA B 67 -12.89 39.13 2.01
CA ALA B 67 -12.95 37.84 2.67
C ALA B 67 -14.16 37.79 3.60
N VAL B 68 -14.28 38.78 4.47
CA VAL B 68 -15.40 38.83 5.40
C VAL B 68 -16.71 38.71 4.64
N ARG B 69 -16.72 39.20 3.41
CA ARG B 69 -17.90 39.13 2.57
C ARG B 69 -18.22 37.69 2.17
N THR B 70 -17.20 36.96 1.73
CA THR B 70 -17.39 35.57 1.33
C THR B 70 -17.92 34.77 2.53
N VAL B 71 -17.42 35.10 3.72
CA VAL B 71 -17.84 34.41 4.93
C VAL B 71 -19.32 34.61 5.20
N ALA B 72 -19.84 35.80 4.89
CA ALA B 72 -21.26 36.06 5.10
C ALA B 72 -22.00 35.17 4.11
N SER B 73 -21.41 35.01 2.94
CA SER B 73 -22.02 34.20 1.89
C SER B 73 -22.07 32.74 2.31
N PHE B 74 -21.05 32.31 3.06
CA PHE B 74 -20.98 30.93 3.53
C PHE B 74 -21.92 30.69 4.71
N ARG B 75 -22.16 31.73 5.50
CA ARG B 75 -23.06 31.64 6.64
C ARG B 75 -24.42 31.31 6.03
N GLU B 76 -24.73 32.01 4.94
CA GLU B 76 -25.98 31.84 4.23
C GLU B 76 -26.10 30.48 3.55
N ARG B 77 -25.06 30.08 2.80
CA ARG B 77 -25.07 28.80 2.12
C ARG B 77 -25.32 27.67 3.11
N LEU B 78 -24.80 27.82 4.31
CA LEU B 78 -24.99 26.81 5.34
C LEU B 78 -26.45 26.83 5.82
N ASP B 79 -26.93 28.02 6.18
CA ASP B 79 -28.30 28.17 6.66
C ASP B 79 -29.34 27.66 5.67
N ARG B 80 -29.01 27.73 4.38
CA ARG B 80 -29.93 27.28 3.35
C ARG B 80 -29.54 25.88 2.93
N PHE B 81 -28.47 25.36 3.53
CA PHE B 81 -27.96 24.04 3.20
C PHE B 81 -27.95 23.88 1.68
N GLU B 82 -27.33 24.84 1.01
CA GLU B 82 -27.27 24.82 -0.44
C GLU B 82 -26.03 24.07 -0.95
N ASN B 83 -26.29 22.97 -1.66
CA ASN B 83 -25.24 22.12 -2.23
C ASN B 83 -24.09 21.81 -1.28
N LEU B 84 -24.42 21.24 -0.13
CA LEU B 84 -23.43 20.88 0.88
C LEU B 84 -23.57 19.41 1.26
N ASP B 85 -24.26 18.65 0.41
CA ASP B 85 -24.48 17.23 0.65
C ASP B 85 -23.24 16.48 0.18
N HIS B 86 -22.11 16.78 0.80
CA HIS B 86 -20.86 16.14 0.43
C HIS B 86 -19.75 16.31 1.47
N HIS B 87 -18.62 15.70 1.16
CA HIS B 87 -17.42 15.70 1.98
C HIS B 87 -16.65 17.02 1.98
N ASN B 88 -16.78 17.77 0.88
CA ASN B 88 -16.05 19.01 0.71
C ASN B 88 -16.43 20.20 1.60
N ILE B 89 -17.02 19.92 2.76
CA ILE B 89 -17.41 20.96 3.70
C ILE B 89 -16.15 21.58 4.31
N GLY B 90 -15.11 20.77 4.43
CA GLY B 90 -13.86 21.25 4.99
C GLY B 90 -13.17 22.22 4.05
N PHE B 91 -13.14 21.87 2.77
CA PHE B 91 -12.52 22.74 1.78
C PHE B 91 -13.20 24.11 1.82
N LEU B 92 -14.51 24.10 1.99
CA LEU B 92 -15.30 25.33 2.01
C LEU B 92 -15.18 26.20 3.25
N TYR B 93 -15.40 25.60 4.42
CA TYR B 93 -15.38 26.35 5.67
C TYR B 93 -14.07 26.51 6.40
N SER B 94 -13.09 25.64 6.13
CA SER B 94 -11.79 25.78 6.78
C SER B 94 -11.10 27.03 6.26
N LEU B 95 -11.17 27.25 4.94
CA LEU B 95 -10.51 28.39 4.33
C LEU B 95 -11.28 29.71 4.38
N SER B 96 -12.46 29.67 4.99
CA SER B 96 -13.28 30.86 5.09
C SER B 96 -13.57 31.23 6.54
N ALA B 97 -14.56 30.56 7.13
CA ALA B 97 -14.94 30.82 8.52
C ALA B 97 -13.79 30.53 9.48
N LYS B 98 -13.28 29.29 9.47
CA LYS B 98 -12.19 28.94 10.37
C LYS B 98 -11.01 29.86 10.09
N ALA B 99 -10.79 30.15 8.81
CA ALA B 99 -9.71 31.04 8.41
C ALA B 99 -9.82 32.38 9.12
N GLN B 100 -11.04 32.93 9.21
CA GLN B 100 -11.21 34.22 9.86
C GLN B 100 -10.88 34.11 11.35
N TRP B 101 -11.29 33.02 11.98
CA TRP B 101 -11.00 32.80 13.39
C TRP B 101 -9.49 32.72 13.60
N ILE B 102 -8.81 32.03 12.70
CA ILE B 102 -7.36 31.89 12.80
C ILE B 102 -6.68 33.24 12.64
N VAL B 103 -7.19 34.07 11.74
CA VAL B 103 -6.60 35.38 11.48
C VAL B 103 -6.90 36.48 12.52
N GLU B 104 -8.17 36.72 12.82
CA GLU B 104 -8.51 37.78 13.75
C GLU B 104 -9.38 37.35 14.94
N LYS B 105 -9.46 36.04 15.16
CA LYS B 105 -10.22 35.49 16.28
C LYS B 105 -11.68 35.96 16.35
N ASP B 106 -12.36 35.95 15.21
CA ASP B 106 -13.75 36.37 15.16
C ASP B 106 -14.64 35.27 15.71
N GLU B 107 -15.33 35.54 16.82
CA GLU B 107 -16.20 34.55 17.43
C GLU B 107 -17.28 34.01 16.50
N SER B 108 -17.97 34.90 15.79
CA SER B 108 -19.04 34.49 14.88
C SER B 108 -18.53 33.64 13.73
N ALA B 109 -17.25 33.79 13.40
CA ALA B 109 -16.66 33.01 12.31
C ALA B 109 -16.32 31.65 12.87
N ARG B 110 -15.83 31.64 14.11
CA ARG B 110 -15.48 30.40 14.79
C ARG B 110 -16.73 29.53 14.90
N LYS B 111 -17.80 30.12 15.43
CA LYS B 111 -19.05 29.40 15.59
C LYS B 111 -19.60 28.90 14.27
N LEU B 112 -19.41 29.67 13.19
CA LEU B 112 -19.87 29.26 11.88
C LEU B 112 -19.11 28.02 11.42
N ALA B 113 -17.80 28.00 11.70
CA ALA B 113 -16.96 26.87 11.33
C ALA B 113 -17.44 25.64 12.10
N LEU B 114 -17.71 25.82 13.39
CA LEU B 114 -18.19 24.72 14.23
C LEU B 114 -19.50 24.17 13.70
N ASP B 115 -20.37 25.04 13.21
CA ASP B 115 -21.65 24.60 12.65
C ASP B 115 -21.35 23.73 11.45
N ALA B 116 -20.43 24.19 10.62
CA ALA B 116 -20.04 23.48 9.41
C ALA B 116 -19.43 22.12 9.79
N ALA B 117 -18.58 22.13 10.81
CA ALA B 117 -17.94 20.90 11.28
C ALA B 117 -19.03 19.91 11.68
N ASP B 118 -19.99 20.39 12.46
CA ASP B 118 -21.09 19.56 12.90
C ASP B 118 -21.88 19.01 11.71
N VAL B 119 -21.95 19.78 10.63
CA VAL B 119 -22.66 19.32 9.43
C VAL B 119 -21.86 18.22 8.73
N LEU B 120 -20.55 18.41 8.62
CA LEU B 120 -19.71 17.41 7.97
C LEU B 120 -19.80 16.08 8.69
N MET B 121 -19.99 16.14 10.01
CA MET B 121 -20.08 14.94 10.84
C MET B 121 -21.21 13.98 10.48
N ARG B 122 -22.18 14.43 9.68
CA ARG B 122 -23.29 13.56 9.30
C ARG B 122 -23.00 12.79 8.02
N ARG B 123 -21.83 13.05 7.43
CA ARG B 123 -21.40 12.37 6.22
C ARG B 123 -20.83 10.98 6.56
N TRP B 124 -20.44 10.79 7.82
CA TRP B 124 -19.85 9.53 8.23
C TRP B 124 -20.87 8.40 8.35
N ARG B 125 -20.60 7.33 7.60
CA ARG B 125 -21.44 6.14 7.61
C ARG B 125 -20.82 5.14 8.58
N ALA B 126 -21.31 5.13 9.82
CA ALA B 126 -20.81 4.23 10.85
C ALA B 126 -20.83 2.77 10.40
N ASP B 127 -21.60 2.49 9.36
CA ASP B 127 -21.71 1.14 8.81
C ASP B 127 -20.39 0.74 8.15
N ALA B 128 -19.98 1.49 7.14
CA ALA B 128 -18.73 1.21 6.41
C ALA B 128 -17.51 1.90 7.02
N GLY B 129 -17.70 2.55 8.16
CA GLY B 129 -16.60 3.23 8.83
C GLY B 129 -15.90 4.27 7.98
N ILE B 130 -16.67 4.97 7.15
CA ILE B 130 -16.11 5.98 6.26
C ILE B 130 -17.04 7.19 6.12
N ILE B 131 -16.48 8.28 5.60
CA ILE B 131 -17.23 9.51 5.37
C ILE B 131 -17.55 9.49 3.87
N GLN B 132 -18.84 9.35 3.54
CA GLN B 132 -19.26 9.31 2.15
C GLN B 132 -18.87 10.60 1.45
N ALA B 133 -18.29 10.47 0.26
CA ALA B 133 -17.84 11.64 -0.51
C ALA B 133 -18.97 12.34 -1.28
N TRP B 134 -19.47 11.68 -2.32
CA TRP B 134 -20.52 12.26 -3.16
C TRP B 134 -21.86 11.51 -3.08
N GLY B 135 -22.88 12.05 -3.73
CA GLY B 135 -24.18 11.41 -3.73
C GLY B 135 -24.95 11.57 -2.42
N PRO B 136 -26.25 11.22 -2.43
CA PRO B 136 -27.10 11.33 -1.24
C PRO B 136 -26.75 10.26 -0.18
N LYS B 137 -27.35 10.37 1.00
CA LYS B 137 -27.08 9.40 2.06
C LYS B 137 -27.65 8.05 1.61
N GLY B 138 -26.77 7.07 1.44
CA GLY B 138 -27.22 5.76 1.00
C GLY B 138 -27.44 5.67 -0.50
N ASP B 139 -26.55 6.29 -1.26
CA ASP B 139 -26.64 6.27 -2.73
C ASP B 139 -26.21 4.89 -3.20
N PRO B 140 -26.86 4.36 -4.26
CA PRO B 140 -26.54 3.04 -4.81
C PRO B 140 -25.23 2.88 -5.58
N GLU B 141 -24.25 3.74 -5.30
CA GLU B 141 -22.95 3.66 -5.96
C GLU B 141 -21.93 4.62 -5.34
N ASN B 142 -22.42 5.75 -4.84
CA ASN B 142 -21.58 6.76 -4.22
C ASN B 142 -21.71 6.64 -2.70
N GLY B 143 -22.64 5.79 -2.27
CA GLY B 143 -22.91 5.59 -0.86
C GLY B 143 -21.75 5.03 -0.04
N GLY B 144 -21.07 4.02 -0.59
CA GLY B 144 -19.95 3.43 0.13
C GLY B 144 -18.61 3.71 -0.52
N ARG B 145 -18.45 4.90 -1.09
CA ARG B 145 -17.19 5.26 -1.72
C ARG B 145 -16.44 6.34 -0.97
N ILE B 146 -15.11 6.26 -0.98
CA ILE B 146 -14.29 7.27 -0.34
C ILE B 146 -13.36 7.84 -1.40
N ILE B 147 -12.95 9.10 -1.23
CA ILE B 147 -12.07 9.73 -2.20
C ILE B 147 -10.87 10.31 -1.45
N ILE B 148 -9.70 10.21 -2.04
CA ILE B 148 -8.48 10.67 -1.39
C ILE B 148 -8.49 12.13 -0.96
N ASP B 149 -9.13 13.01 -1.73
CA ASP B 149 -9.11 14.41 -1.32
C ASP B 149 -9.90 14.65 -0.03
N CYS B 150 -10.63 13.63 0.42
CA CYS B 150 -11.39 13.77 1.66
C CYS B 150 -10.49 13.96 2.87
N LEU B 151 -9.20 13.69 2.71
CA LEU B 151 -8.24 13.86 3.81
C LEU B 151 -8.10 15.33 4.16
N LEU B 152 -8.27 16.19 3.15
CA LEU B 152 -8.15 17.64 3.34
C LEU B 152 -9.39 18.22 4.02
N ASN B 153 -10.45 17.43 4.11
CA ASN B 153 -11.68 17.86 4.76
C ASN B 153 -11.72 17.46 6.23
N LEU B 154 -10.76 16.68 6.66
CA LEU B 154 -10.68 16.23 8.05
C LEU B 154 -10.22 17.32 9.00
N PRO B 155 -9.28 18.17 8.56
CA PRO B 155 -8.81 19.22 9.46
C PRO B 155 -9.96 20.01 10.11
N LEU B 156 -11.06 20.17 9.39
CA LEU B 156 -12.21 20.89 9.94
C LEU B 156 -12.74 20.14 11.15
N LEU B 157 -12.84 18.82 11.03
CA LEU B 157 -13.34 17.99 12.12
C LEU B 157 -12.38 17.96 13.29
N LEU B 158 -11.10 17.81 13.00
CA LEU B 158 -10.07 17.76 14.03
C LEU B 158 -10.01 19.07 14.79
N TRP B 159 -10.04 20.18 14.07
CA TRP B 159 -10.01 21.50 14.69
C TRP B 159 -11.23 21.67 15.61
N ALA B 160 -12.38 21.27 15.11
CA ALA B 160 -13.63 21.38 15.85
C ALA B 160 -13.55 20.59 17.15
N GLY B 161 -13.09 19.34 17.04
CA GLY B 161 -12.95 18.50 18.21
C GLY B 161 -12.10 19.14 19.28
N GLU B 162 -11.03 19.83 18.88
CA GLU B 162 -10.15 20.48 19.85
C GLU B 162 -10.85 21.70 20.45
N GLN B 163 -11.67 22.35 19.63
CA GLN B 163 -12.41 23.52 20.06
C GLN B 163 -13.52 23.16 21.03
N THR B 164 -14.24 22.08 20.71
CA THR B 164 -15.37 21.64 21.53
C THR B 164 -15.03 20.64 22.63
N GLY B 165 -13.84 20.07 22.59
CA GLY B 165 -13.48 19.10 23.60
C GLY B 165 -14.21 17.79 23.38
N ASP B 166 -15.08 17.76 22.38
CA ASP B 166 -15.84 16.55 22.07
C ASP B 166 -14.91 15.57 21.35
N PRO B 167 -14.52 14.48 22.04
CA PRO B 167 -13.63 13.44 21.52
C PRO B 167 -14.10 12.69 20.27
N GLU B 168 -15.40 12.77 19.97
CA GLU B 168 -15.94 12.09 18.81
C GLU B 168 -15.33 12.55 17.50
N TYR B 169 -15.09 13.85 17.38
CA TYR B 169 -14.52 14.41 16.17
C TYR B 169 -13.21 13.72 15.79
N ARG B 170 -12.28 13.62 16.74
CA ARG B 170 -10.98 12.99 16.51
C ARG B 170 -11.17 11.53 16.08
N ARG B 171 -12.09 10.85 16.75
CA ARG B 171 -12.38 9.44 16.48
C ARG B 171 -12.67 9.20 14.99
N VAL B 172 -13.72 9.86 14.50
CA VAL B 172 -14.13 9.73 13.11
C VAL B 172 -13.02 10.09 12.14
N ALA B 173 -12.33 11.18 12.43
CA ALA B 173 -11.25 11.65 11.58
C ALA B 173 -10.12 10.63 11.51
N GLU B 174 -9.64 10.15 12.65
CA GLU B 174 -8.55 9.18 12.63
C GLU B 174 -8.99 7.89 11.94
N ALA B 175 -10.23 7.49 12.16
CA ALA B 175 -10.74 6.27 11.55
C ALA B 175 -10.76 6.38 10.02
N HIS B 176 -11.21 7.53 9.50
CA HIS B 176 -11.25 7.72 8.06
C HIS B 176 -9.85 7.88 7.49
N ALA B 177 -8.97 8.55 8.23
CA ALA B 177 -7.59 8.74 7.78
C ALA B 177 -6.89 7.38 7.68
N LEU B 178 -7.10 6.52 8.66
CA LEU B 178 -6.49 5.20 8.67
C LEU B 178 -7.03 4.34 7.54
N LYS B 179 -8.35 4.34 7.37
CA LYS B 179 -8.96 3.54 6.32
C LYS B 179 -8.43 3.99 4.95
N SER B 180 -8.25 5.30 4.80
CA SER B 180 -7.74 5.85 3.55
C SER B 180 -6.34 5.29 3.29
N ARG B 181 -5.52 5.29 4.34
CA ARG B 181 -4.15 4.81 4.24
C ARG B 181 -4.06 3.35 3.80
N ARG B 182 -4.96 2.52 4.30
CA ARG B 182 -4.96 1.09 3.98
C ARG B 182 -5.46 0.77 2.57
N PHE B 183 -6.57 1.39 2.17
CA PHE B 183 -7.11 1.09 0.86
C PHE B 183 -6.82 2.04 -0.28
N LEU B 184 -6.54 3.31 0.01
CA LEU B 184 -6.26 4.27 -1.05
C LEU B 184 -4.78 4.30 -1.44
N VAL B 185 -3.89 4.09 -0.49
CA VAL B 185 -2.47 4.09 -0.82
C VAL B 185 -2.04 2.70 -1.29
N ARG B 186 -1.20 2.67 -2.31
CA ARG B 186 -0.74 1.41 -2.89
C ARG B 186 0.62 0.96 -2.37
N GLY B 187 0.92 -0.32 -2.59
CA GLY B 187 2.18 -0.87 -2.11
C GLY B 187 3.44 -0.19 -2.62
N ASP B 188 3.37 0.44 -3.79
CA ASP B 188 4.56 1.09 -4.34
C ASP B 188 4.56 2.59 -4.05
N ASP B 189 3.74 2.98 -3.08
CA ASP B 189 3.63 4.36 -2.64
C ASP B 189 2.84 5.29 -3.56
N SER B 190 2.21 4.73 -4.58
CA SER B 190 1.36 5.50 -5.49
C SER B 190 0.00 5.48 -4.81
N SER B 191 -1.06 5.87 -5.52
CA SER B 191 -2.38 5.86 -4.91
C SER B 191 -3.58 5.76 -5.84
N TYR B 192 -4.67 5.24 -5.31
CA TYR B 192 -5.92 5.14 -6.05
C TYR B 192 -6.57 6.49 -5.79
N HIS B 193 -7.52 6.87 -6.65
CA HIS B 193 -8.23 8.13 -6.46
C HIS B 193 -9.39 7.88 -5.51
N THR B 194 -10.18 6.85 -5.78
CA THR B 194 -11.33 6.52 -4.93
C THR B 194 -11.37 5.01 -4.65
N PHE B 195 -12.10 4.63 -3.61
CA PHE B 195 -12.22 3.22 -3.26
C PHE B 195 -13.66 2.91 -2.84
N TYR B 196 -14.20 1.82 -3.37
CA TYR B 196 -15.57 1.44 -3.03
C TYR B 196 -15.67 0.36 -1.97
N PHE B 197 -16.64 0.52 -1.08
CA PHE B 197 -16.89 -0.44 0.00
C PHE B 197 -18.36 -0.81 -0.10
N ASP B 198 -18.72 -1.96 0.48
CA ASP B 198 -20.11 -2.39 0.48
C ASP B 198 -20.80 -1.58 1.58
N PRO B 199 -21.86 -0.85 1.23
CA PRO B 199 -22.61 -0.01 2.19
C PRO B 199 -23.00 -0.73 3.49
N GLU B 200 -23.43 -1.98 3.38
CA GLU B 200 -23.85 -2.78 4.52
C GLU B 200 -22.73 -3.15 5.48
N ASN B 201 -21.96 -4.16 5.12
CA ASN B 201 -20.86 -4.64 5.94
C ASN B 201 -19.64 -3.74 5.97
N GLY B 202 -19.47 -2.94 4.90
CA GLY B 202 -18.34 -2.04 4.83
C GLY B 202 -17.08 -2.72 4.31
N ASN B 203 -17.25 -3.87 3.68
CA ASN B 203 -16.11 -4.61 3.14
C ASN B 203 -15.54 -3.96 1.89
N ALA B 204 -14.22 -4.08 1.73
CA ALA B 204 -13.54 -3.50 0.57
C ALA B 204 -14.01 -4.18 -0.71
N ILE B 205 -14.14 -3.40 -1.77
CA ILE B 205 -14.56 -3.96 -3.05
C ILE B 205 -13.51 -3.73 -4.11
N ARG B 206 -13.19 -2.46 -4.36
CA ARG B 206 -12.22 -2.10 -5.38
C ARG B 206 -11.77 -0.64 -5.31
N GLY B 207 -10.63 -0.37 -5.93
CA GLY B 207 -10.09 0.97 -5.99
C GLY B 207 -10.33 1.40 -7.42
N GLY B 208 -10.56 2.69 -7.64
CA GLY B 208 -10.81 3.14 -9.00
C GLY B 208 -11.00 4.63 -9.09
N THR B 209 -11.35 5.10 -10.28
CA THR B 209 -11.55 6.53 -10.50
C THR B 209 -12.31 6.83 -11.78
N HIS B 210 -12.73 8.08 -11.90
CA HIS B 210 -13.44 8.57 -13.07
C HIS B 210 -12.60 9.72 -13.62
N GLN B 211 -11.66 10.21 -12.80
CA GLN B 211 -10.80 11.31 -13.19
C GLN B 211 -9.39 10.91 -13.62
N GLY B 212 -8.75 10.00 -12.87
CA GLY B 212 -7.42 9.56 -13.25
C GLY B 212 -7.54 8.76 -14.54
N ASN B 213 -6.44 8.60 -15.27
CA ASN B 213 -6.46 7.88 -16.54
C ASN B 213 -7.14 6.50 -16.45
N THR B 214 -6.69 5.66 -15.52
CA THR B 214 -7.29 4.33 -15.35
C THR B 214 -7.37 4.06 -13.86
N ASP B 215 -8.14 3.04 -13.48
CA ASP B 215 -8.28 2.70 -12.06
C ASP B 215 -6.93 2.44 -11.40
N GLY B 216 -5.98 1.90 -12.16
CA GLY B 216 -4.68 1.59 -11.61
C GLY B 216 -3.59 2.62 -11.84
N SER B 217 -3.95 3.75 -12.43
CA SER B 217 -2.96 4.80 -12.68
C SER B 217 -2.83 5.69 -11.46
N THR B 218 -1.99 6.71 -11.59
CA THR B 218 -1.77 7.65 -10.51
C THR B 218 -2.07 9.07 -10.95
N TRP B 219 -3.26 9.53 -10.61
CA TRP B 219 -3.71 10.89 -10.91
C TRP B 219 -2.84 11.79 -10.03
N THR B 220 -2.04 12.67 -10.63
CA THR B 220 -1.14 13.50 -9.83
C THR B 220 -1.80 14.36 -8.75
N ARG B 221 -2.99 14.90 -8.99
CA ARG B 221 -3.64 15.69 -7.94
C ARG B 221 -4.09 14.75 -6.81
N GLY B 222 -4.47 13.53 -7.18
CA GLY B 222 -4.86 12.55 -6.18
C GLY B 222 -3.69 12.27 -5.26
N GLN B 223 -2.51 12.09 -5.85
CA GLN B 223 -1.28 11.82 -5.11
C GLN B 223 -0.94 13.04 -4.26
N ALA B 224 -1.17 14.23 -4.82
CA ALA B 224 -0.91 15.48 -4.11
C ALA B 224 -1.83 15.57 -2.89
N TRP B 225 -3.11 15.25 -3.08
CA TRP B 225 -4.06 15.27 -1.97
C TRP B 225 -3.51 14.35 -0.87
N GLY B 226 -3.00 13.19 -1.29
CA GLY B 226 -2.45 12.26 -0.33
C GLY B 226 -1.31 12.87 0.45
N ILE B 227 -0.34 13.43 -0.27
CA ILE B 227 0.81 14.03 0.38
C ILE B 227 0.46 15.06 1.45
N TYR B 228 -0.30 16.09 1.07
CA TYR B 228 -0.66 17.14 2.02
C TYR B 228 -1.68 16.64 3.03
N GLY B 229 -2.64 15.85 2.56
CA GLY B 229 -3.67 15.32 3.43
C GLY B 229 -3.15 14.50 4.59
N PHE B 230 -2.31 13.51 4.31
CA PHE B 230 -1.78 12.67 5.39
C PHE B 230 -0.88 13.48 6.31
N ALA B 231 -0.19 14.46 5.76
CA ALA B 231 0.69 15.29 6.56
C ALA B 231 -0.12 16.06 7.59
N LEU B 232 -1.17 16.73 7.13
CA LEU B 232 -2.04 17.51 8.02
C LEU B 232 -2.63 16.66 9.13
N ASN B 233 -3.15 15.49 8.76
CA ASN B 233 -3.75 14.58 9.72
C ASN B 233 -2.74 14.07 10.73
N SER B 234 -1.53 13.77 10.26
CA SER B 234 -0.50 13.27 11.17
C SER B 234 -0.16 14.37 12.16
N ARG B 235 -0.24 15.61 11.70
CA ARG B 235 0.04 16.75 12.58
C ARG B 235 -0.96 16.78 13.72
N TYR B 236 -2.24 16.68 13.39
CA TYR B 236 -3.30 16.70 14.41
C TYR B 236 -3.27 15.49 15.32
N LEU B 237 -3.17 14.30 14.71
CA LEU B 237 -3.17 13.03 15.44
C LEU B 237 -1.86 12.56 16.05
N GLY B 238 -0.75 13.22 15.73
CA GLY B 238 0.52 12.79 16.27
C GLY B 238 0.74 11.34 15.90
N ASN B 239 0.27 10.98 14.71
CA ASN B 239 0.36 9.62 14.21
C ASN B 239 1.53 9.49 13.25
N ALA B 240 2.63 8.92 13.74
CA ALA B 240 3.85 8.73 12.95
C ALA B 240 3.63 7.94 11.67
N ASP B 241 2.64 7.06 11.65
CA ASP B 241 2.35 6.25 10.47
C ASP B 241 1.81 7.10 9.32
N LEU B 242 0.88 8.01 9.63
CA LEU B 242 0.34 8.87 8.58
C LEU B 242 1.46 9.73 8.02
N LEU B 243 2.32 10.20 8.91
CA LEU B 243 3.46 11.02 8.50
C LEU B 243 4.40 10.20 7.62
N GLU B 244 4.56 8.93 7.94
CA GLU B 244 5.41 8.06 7.14
C GLU B 244 4.80 7.91 5.75
N THR B 245 3.49 7.70 5.72
CA THR B 245 2.79 7.54 4.44
C THR B 245 2.91 8.81 3.60
N ALA B 246 2.84 9.96 4.26
CA ALA B 246 2.95 11.24 3.58
C ALA B 246 4.32 11.32 2.92
N LYS B 247 5.37 10.98 3.66
CA LYS B 247 6.71 11.03 3.11
C LYS B 247 6.86 10.06 1.93
N ARG B 248 6.28 8.86 2.05
CA ARG B 248 6.35 7.87 0.99
C ARG B 248 5.76 8.41 -0.31
N MET B 249 4.53 8.91 -0.22
CA MET B 249 3.86 9.46 -1.39
C MET B 249 4.63 10.65 -1.94
N ALA B 250 5.23 11.43 -1.06
CA ALA B 250 6.02 12.60 -1.49
C ALA B 250 7.18 12.15 -2.36
N ARG B 251 7.95 11.17 -1.88
CA ARG B 251 9.09 10.67 -2.63
C ARG B 251 8.66 10.07 -3.96
N HIS B 252 7.49 9.42 -3.96
CA HIS B 252 6.99 8.80 -5.19
C HIS B 252 6.70 9.90 -6.21
N PHE B 253 6.08 10.98 -5.73
CA PHE B 253 5.74 12.13 -6.56
C PHE B 253 7.01 12.74 -7.13
N LEU B 254 7.93 13.10 -6.23
CA LEU B 254 9.19 13.74 -6.63
C LEU B 254 10.01 13.00 -7.67
N ALA B 255 9.99 11.68 -7.62
CA ALA B 255 10.77 10.88 -8.57
C ALA B 255 10.16 10.89 -9.96
N ARG B 256 8.96 11.44 -10.09
CA ARG B 256 8.30 11.46 -11.39
C ARG B 256 8.00 12.85 -11.89
N VAL B 257 8.71 13.83 -11.34
CA VAL B 257 8.55 15.22 -11.76
C VAL B 257 9.31 15.38 -13.08
N PRO B 258 8.63 15.84 -14.14
CA PRO B 258 9.30 16.02 -15.43
C PRO B 258 10.35 17.13 -15.47
N GLU B 259 10.96 17.27 -16.64
CA GLU B 259 12.03 18.24 -16.87
C GLU B 259 11.82 19.69 -16.45
N ASP B 260 10.65 20.27 -16.72
CA ASP B 260 10.43 21.67 -16.33
C ASP B 260 9.95 21.85 -14.89
N GLY B 261 9.98 20.76 -14.12
CA GLY B 261 9.60 20.85 -12.73
C GLY B 261 8.13 20.81 -12.35
N VAL B 262 7.24 20.70 -13.33
CA VAL B 262 5.80 20.67 -13.06
C VAL B 262 5.21 19.40 -13.66
N VAL B 263 4.45 18.66 -12.86
CA VAL B 263 3.90 17.39 -13.31
C VAL B 263 2.81 17.39 -14.35
N TYR B 264 2.62 16.21 -14.95
CA TYR B 264 1.58 16.01 -15.94
C TYR B 264 0.35 15.67 -15.10
N TRP B 265 -0.80 15.52 -15.73
CA TRP B 265 -2.02 15.25 -14.97
C TRP B 265 -2.10 13.84 -14.38
N ASP B 266 -1.37 12.93 -14.99
CA ASP B 266 -1.34 11.53 -14.53
C ASP B 266 0.06 11.00 -14.83
N PHE B 267 0.61 10.25 -13.87
CA PHE B 267 1.96 9.72 -14.02
C PHE B 267 2.08 8.57 -15.03
N GLU B 268 0.96 7.92 -15.33
CA GLU B 268 0.95 6.78 -16.24
C GLU B 268 0.64 7.05 -17.72
N VAL B 269 0.40 8.30 -18.08
CA VAL B 269 0.16 8.62 -19.49
C VAL B 269 1.53 9.04 -20.03
N PRO B 270 1.65 9.19 -21.35
CA PRO B 270 2.96 9.59 -21.89
C PRO B 270 3.47 10.84 -21.22
N GLN B 271 4.68 10.77 -20.67
CA GLN B 271 5.29 11.90 -19.98
C GLN B 271 6.07 12.76 -20.98
N GLU B 272 5.35 13.30 -21.95
CA GLU B 272 5.95 14.15 -22.98
C GLU B 272 5.09 15.40 -23.06
N PRO B 273 5.64 16.52 -23.58
CA PRO B 273 4.96 17.81 -23.72
C PRO B 273 3.54 17.80 -24.31
N SER B 274 3.21 16.80 -25.11
CA SER B 274 1.88 16.73 -25.71
C SER B 274 0.78 16.35 -24.72
N SER B 275 1.15 15.81 -23.56
CA SER B 275 0.18 15.43 -22.55
C SER B 275 -0.19 16.63 -21.68
N TYR B 276 -1.42 16.66 -21.19
CA TYR B 276 -1.85 17.77 -20.35
C TYR B 276 -1.12 17.77 -19.02
N ARG B 277 -1.01 18.96 -18.44
CA ARG B 277 -0.34 19.14 -17.17
C ARG B 277 -1.35 19.37 -16.07
N ASP B 278 -0.84 19.48 -14.85
CA ASP B 278 -1.67 19.82 -13.72
C ASP B 278 -0.82 20.60 -12.75
N SER B 279 -0.69 21.89 -13.03
CA SER B 279 0.10 22.77 -12.19
C SER B 279 -0.46 22.80 -10.78
N SER B 280 -1.75 22.51 -10.62
CA SER B 280 -2.33 22.54 -9.28
C SER B 280 -1.77 21.40 -8.43
N ALA B 281 -1.44 20.27 -9.06
CA ALA B 281 -0.90 19.14 -8.31
C ALA B 281 0.47 19.51 -7.76
N SER B 282 1.28 20.19 -8.56
CA SER B 282 2.61 20.61 -8.10
C SER B 282 2.46 21.63 -6.97
N ALA B 283 1.44 22.47 -7.04
CA ALA B 283 1.21 23.48 -6.00
C ALA B 283 0.81 22.83 -4.68
N ILE B 284 -0.11 21.88 -4.74
CA ILE B 284 -0.57 21.19 -3.55
C ILE B 284 0.64 20.48 -2.92
N THR B 285 1.39 19.80 -3.76
CA THR B 285 2.56 19.07 -3.29
C THR B 285 3.57 19.99 -2.62
N ALA B 286 3.83 21.15 -3.21
CA ALA B 286 4.78 22.08 -2.62
C ALA B 286 4.36 22.39 -1.18
N CYS B 287 3.06 22.53 -0.96
CA CYS B 287 2.57 22.80 0.39
C CYS B 287 2.74 21.57 1.28
N GLY B 288 2.49 20.39 0.72
CA GLY B 288 2.63 19.16 1.48
C GLY B 288 4.07 18.95 1.92
N LEU B 289 5.01 19.23 1.02
CA LEU B 289 6.43 19.07 1.33
C LEU B 289 6.81 19.96 2.49
N LEU B 290 6.34 21.21 2.47
CA LEU B 290 6.66 22.15 3.55
C LEU B 290 6.01 21.73 4.85
N GLU B 291 4.80 21.19 4.76
CA GLU B 291 4.11 20.73 5.96
C GLU B 291 4.90 19.57 6.57
N ILE B 292 5.25 18.58 5.74
CA ILE B 292 6.00 17.43 6.22
C ILE B 292 7.29 17.88 6.91
N ALA B 293 8.07 18.69 6.20
CA ALA B 293 9.33 19.18 6.74
C ALA B 293 9.15 19.82 8.11
N SER B 294 8.07 20.56 8.29
CA SER B 294 7.82 21.23 9.57
C SER B 294 7.58 20.25 10.71
N GLN B 295 7.32 18.99 10.37
CA GLN B 295 7.08 17.96 11.38
C GLN B 295 8.30 17.07 11.62
N LEU B 296 9.38 17.33 10.89
CA LEU B 296 10.59 16.54 11.02
C LEU B 296 11.59 17.26 11.93
N ASP B 297 12.42 16.50 12.63
CA ASP B 297 13.40 17.11 13.52
C ASP B 297 14.52 17.79 12.72
N GLU B 298 15.02 18.88 13.27
CA GLU B 298 16.08 19.68 12.63
C GLU B 298 17.22 18.81 12.11
N SER B 299 17.63 17.82 12.90
CA SER B 299 18.73 16.94 12.54
C SER B 299 18.48 16.05 11.34
N ASP B 300 17.22 15.70 11.08
CA ASP B 300 16.90 14.84 9.96
C ASP B 300 17.25 15.53 8.64
N PRO B 301 18.23 14.98 7.89
CA PRO B 301 18.66 15.56 6.62
C PRO B 301 17.59 15.60 5.53
N GLU B 302 16.54 14.80 5.68
CA GLU B 302 15.48 14.80 4.68
C GLU B 302 14.61 16.05 4.83
N ARG B 303 14.64 16.65 6.02
CA ARG B 303 13.86 17.84 6.29
C ARG B 303 14.24 18.96 5.32
N GLN B 304 15.54 19.19 5.15
CA GLN B 304 15.99 20.23 4.25
C GLN B 304 15.78 19.82 2.80
N ARG B 305 15.86 18.52 2.52
CA ARG B 305 15.65 18.04 1.16
C ARG B 305 14.22 18.37 0.73
N PHE B 306 13.26 18.13 1.62
CA PHE B 306 11.86 18.40 1.32
C PHE B 306 11.59 19.88 1.16
N ILE B 307 12.26 20.69 1.97
CA ILE B 307 12.09 22.13 1.87
C ILE B 307 12.65 22.61 0.54
N ASP B 308 13.85 22.16 0.19
CA ASP B 308 14.47 22.57 -1.06
C ASP B 308 13.68 22.07 -2.26
N ALA B 309 12.99 20.96 -2.11
CA ALA B 309 12.19 20.40 -3.19
C ALA B 309 10.97 21.31 -3.40
N ALA B 310 10.43 21.81 -2.30
CA ALA B 310 9.27 22.70 -2.36
C ALA B 310 9.69 23.99 -3.09
N LYS B 311 10.80 24.59 -2.67
CA LYS B 311 11.29 25.81 -3.28
C LYS B 311 11.48 25.61 -4.78
N THR B 312 12.09 24.48 -5.15
CA THR B 312 12.32 24.17 -6.55
C THR B 312 10.99 24.09 -7.28
N THR B 313 10.01 23.47 -6.63
CA THR B 313 8.67 23.33 -7.21
C THR B 313 8.05 24.71 -7.44
N VAL B 314 8.06 25.54 -6.41
CA VAL B 314 7.50 26.89 -6.50
C VAL B 314 8.19 27.69 -7.60
N THR B 315 9.51 27.65 -7.60
CA THR B 315 10.29 28.37 -8.60
C THR B 315 9.96 27.90 -10.01
N ALA B 316 9.72 26.59 -10.15
CA ALA B 316 9.39 26.01 -11.45
C ALA B 316 8.01 26.49 -11.92
N LEU B 317 7.08 26.59 -10.99
CA LEU B 317 5.74 27.06 -11.30
C LEU B 317 5.80 28.54 -11.68
N ARG B 318 6.55 29.31 -10.91
CA ARG B 318 6.69 30.74 -11.16
C ARG B 318 7.34 31.01 -12.51
N ASP B 319 8.45 30.33 -12.81
CA ASP B 319 9.15 30.56 -14.07
C ASP B 319 8.46 30.07 -15.34
N GLY B 320 7.69 29.00 -15.24
CA GLY B 320 7.07 28.51 -16.45
C GLY B 320 5.56 28.53 -16.53
N TYR B 321 4.89 28.80 -15.42
CA TYR B 321 3.43 28.78 -15.39
C TYR B 321 2.76 30.01 -14.77
N ALA B 322 3.52 30.84 -14.08
CA ALA B 322 2.95 32.01 -13.42
C ALA B 322 2.55 33.14 -14.37
N GLU B 323 1.32 33.63 -14.19
CA GLU B 323 0.82 34.74 -15.00
C GLU B 323 1.32 36.03 -14.38
N ARG B 324 1.72 36.97 -15.22
CA ARG B 324 2.17 38.27 -14.74
C ARG B 324 0.90 39.11 -14.55
N ASP B 325 0.86 39.96 -13.55
CA ASP B 325 -0.34 40.81 -13.40
C ASP B 325 -0.28 41.84 -14.53
N ASP B 326 -0.84 41.49 -15.68
CA ASP B 326 -0.85 42.36 -16.85
C ASP B 326 -2.14 43.16 -16.95
N GLY B 327 -2.91 43.20 -15.86
CA GLY B 327 -4.16 43.93 -15.87
C GLY B 327 -5.31 43.16 -16.47
N GLU B 328 -5.02 42.02 -17.09
CA GLU B 328 -6.07 41.21 -17.72
C GLU B 328 -6.19 39.77 -17.19
N ALA B 329 -5.05 39.08 -17.08
CA ALA B 329 -5.04 37.69 -16.58
C ALA B 329 -5.69 37.59 -15.22
N GLU B 330 -6.57 36.60 -15.04
CA GLU B 330 -7.25 36.44 -13.76
C GLU B 330 -6.73 35.29 -12.88
N GLY B 331 -5.77 34.52 -13.38
CA GLY B 331 -5.25 33.40 -12.60
C GLY B 331 -3.77 33.48 -12.25
N PHE B 332 -3.37 32.88 -11.14
CA PHE B 332 -1.98 32.91 -10.71
C PHE B 332 -1.07 32.02 -11.58
N ILE B 333 -1.49 30.79 -11.81
CA ILE B 333 -0.71 29.86 -12.63
C ILE B 333 -1.51 29.19 -13.75
N ARG B 334 -0.85 28.98 -14.88
CA ARG B 334 -1.48 28.36 -16.03
C ARG B 334 -1.36 26.83 -16.00
N ARG B 335 -1.98 26.20 -17.00
CA ARG B 335 -1.93 24.76 -17.20
C ARG B 335 -2.37 23.86 -16.07
N GLY B 336 -3.46 24.24 -15.40
CA GLY B 336 -4.00 23.38 -14.36
C GLY B 336 -4.94 22.50 -15.15
N SER B 337 -5.56 21.53 -14.49
CA SER B 337 -6.50 20.67 -15.21
C SER B 337 -7.56 20.17 -14.23
N TYR B 338 -8.82 20.33 -14.62
CA TYR B 338 -9.92 19.91 -13.78
C TYR B 338 -10.25 18.45 -14.03
N HIS B 339 -10.72 18.17 -15.24
CA HIS B 339 -11.11 16.82 -15.61
C HIS B 339 -10.67 16.47 -17.03
N VAL B 340 -9.40 16.12 -17.21
CA VAL B 340 -8.86 15.76 -18.53
C VAL B 340 -9.73 14.72 -19.21
N ARG B 341 -10.10 13.67 -18.49
CA ARG B 341 -10.98 12.65 -19.07
C ARG B 341 -12.31 13.36 -19.21
N GLY B 342 -12.72 13.62 -20.44
CA GLY B 342 -13.98 14.32 -20.66
C GLY B 342 -13.71 15.67 -21.27
N GLY B 343 -12.44 16.06 -21.27
CA GLY B 343 -12.03 17.33 -21.82
C GLY B 343 -12.64 18.53 -21.12
N ILE B 344 -12.74 18.48 -19.80
CA ILE B 344 -13.29 19.58 -19.01
C ILE B 344 -12.19 20.46 -18.43
N SER B 345 -11.94 21.60 -19.06
CA SER B 345 -10.90 22.54 -18.61
C SER B 345 -9.59 21.82 -18.27
N PRO B 346 -8.99 21.15 -19.27
CA PRO B 346 -7.74 20.39 -19.17
C PRO B 346 -6.45 21.20 -19.21
N ASP B 347 -6.55 22.50 -19.48
CA ASP B 347 -5.37 23.34 -19.58
C ASP B 347 -5.82 24.75 -19.20
N ASP B 348 -6.20 24.91 -17.94
CA ASP B 348 -6.73 26.16 -17.44
C ASP B 348 -6.33 26.53 -16.03
N TYR B 349 -6.88 27.65 -15.55
CA TYR B 349 -6.63 28.10 -14.20
C TYR B 349 -7.54 27.23 -13.33
N THR B 350 -7.11 26.96 -12.10
CA THR B 350 -7.93 26.23 -11.15
C THR B 350 -7.76 27.06 -9.90
N ILE B 351 -8.87 27.43 -9.26
CA ILE B 351 -8.79 28.27 -8.08
C ILE B 351 -8.06 27.55 -6.95
N TRP B 352 -8.16 26.22 -6.89
CA TRP B 352 -7.45 25.49 -5.84
C TRP B 352 -5.95 25.55 -6.13
N GLY B 353 -5.57 25.42 -7.40
CA GLY B 353 -4.16 25.51 -7.74
C GLY B 353 -3.61 26.86 -7.34
N ASP B 354 -4.40 27.91 -7.60
CA ASP B 354 -3.99 29.26 -7.24
C ASP B 354 -3.84 29.38 -5.73
N TYR B 355 -4.78 28.84 -4.98
CA TYR B 355 -4.70 28.92 -3.53
C TYR B 355 -3.44 28.27 -2.96
N TYR B 356 -3.15 27.05 -3.41
CA TYR B 356 -1.98 26.34 -2.91
C TYR B 356 -0.67 26.97 -3.37
N TYR B 357 -0.68 27.56 -4.55
CA TYR B 357 0.51 28.24 -5.06
C TYR B 357 0.79 29.40 -4.11
N LEU B 358 -0.25 30.17 -3.77
CA LEU B 358 -0.08 31.30 -2.87
C LEU B 358 0.27 30.85 -1.46
N GLU B 359 -0.33 29.77 -0.99
CA GLU B 359 -0.04 29.28 0.37
C GLU B 359 1.43 28.91 0.44
N ALA B 360 1.92 28.27 -0.61
CA ALA B 360 3.33 27.88 -0.66
C ALA B 360 4.20 29.13 -0.57
N LEU B 361 3.86 30.15 -1.36
CA LEU B 361 4.62 31.40 -1.35
C LEU B 361 4.60 32.03 0.03
N LEU B 362 3.43 32.06 0.66
CA LEU B 362 3.27 32.64 1.99
C LEU B 362 4.08 31.85 3.02
N ARG B 363 4.05 30.52 2.90
CA ARG B 363 4.80 29.69 3.84
C ARG B 363 6.30 29.99 3.69
N LEU B 364 6.77 30.01 2.45
CA LEU B 364 8.17 30.27 2.14
C LEU B 364 8.66 31.67 2.47
N GLU B 365 7.82 32.68 2.24
CA GLU B 365 8.23 34.06 2.48
C GLU B 365 7.91 34.61 3.86
N ARG B 366 6.76 34.24 4.42
CA ARG B 366 6.37 34.76 5.73
C ARG B 366 6.20 33.71 6.81
N GLY B 367 6.16 32.45 6.42
CA GLY B 367 5.98 31.40 7.41
C GLY B 367 4.50 31.27 7.72
N VAL B 368 3.66 31.78 6.83
CA VAL B 368 2.21 31.69 6.99
C VAL B 368 1.77 30.36 6.40
N THR B 369 1.32 29.46 7.29
CA THR B 369 0.93 28.12 6.89
C THR B 369 -0.52 27.85 6.47
N GLY B 370 -1.25 28.88 6.07
CA GLY B 370 -2.62 28.63 5.66
C GLY B 370 -3.61 28.53 6.79
N TYR B 371 -4.75 27.86 6.54
CA TYR B 371 -5.80 27.78 7.54
C TYR B 371 -6.30 26.38 7.89
N TRP B 372 -5.41 25.40 7.89
CA TRP B 372 -5.81 24.04 8.20
C TRP B 372 -5.74 23.76 9.70
N TYR B 373 -5.01 24.61 10.42
CA TYR B 373 -4.86 24.47 11.86
C TYR B 373 -4.41 25.79 12.49
N GLU B 374 -4.71 25.98 13.77
CA GLU B 374 -4.34 27.19 14.49
C GLU B 374 -2.86 27.44 14.28
N ARG B 375 -2.47 28.70 14.15
CA ARG B 375 -1.07 29.03 13.95
C ARG B 375 -0.26 28.53 15.13
N GLY B 376 0.86 27.89 14.83
CA GLY B 376 1.72 27.35 15.88
C GLY B 376 0.98 26.67 17.01
N ARG B 377 0.17 25.66 16.68
CA ARG B 377 -0.60 24.94 17.69
C ARG B 377 0.33 24.23 18.67
#